data_2TRC
#
_entry.id   2TRC
#
_cell.length_a   75.700
_cell.length_b   88.510
_cell.length_c   98.870
_cell.angle_alpha   90.00
_cell.angle_beta   90.00
_cell.angle_gamma   90.00
#
_symmetry.space_group_name_H-M   'P 21 21 21'
#
loop_
_entity.id
_entity.type
_entity.pdbx_description
1 polymer TRANSDUCIN
2 polymer TRANSDUCIN
3 polymer PHOSDUCIN
4 non-polymer 'GADOLINIUM ATOM'
5 water water
#
loop_
_entity_poly.entity_id
_entity_poly.type
_entity_poly.pdbx_seq_one_letter_code
_entity_poly.pdbx_strand_id
1 'polypeptide(L)'
;MSELDQLRQEAEQLKNQIRDARKACADATLSQITNNIDPVGRIQMRTRRTLRGHLAKIYAMHWGTDSRLLLSASQDGKLI
IWDSYTTNKVHAIPLRSSWVMTCAYAPSGNYVACGGLDNICSIYNLKTREGNVRVSRELAGHTGYLSCCRFLDDNQIVTS
SGDTTCALWDIETGQQTTTFTGHTGDVMSLSLAPDTRLFVSGACDASAKLWDVREGMCRQTFTGHESDINAICFFPNGNA
FATGSDDATCRLFDLRADQELMTYSHDNIICGITSVSFSKSGRLLLAGYDDFNCNVWDALKADRAGVLAGHDNRVSCLGV
TDDGMAVATGSWDSFLKIWN
;
B
2 'polypeptide(L)' MPVINIEDLTEKDKLKMEVDQLKKEVTLERMLVSKCCEEFRDYVEERSGEDPLVKGIPEDKNPFKELK G
3 'polypeptide(L)'
;EGQATHTGPKGVINDWRKFKLESEDGDSIPPSKKEILRQMSSPQSRDDKDSKER(MSE)SRK(MSE)SIQEYELIHQDKE
DEGCLRKYRRQC(MSE)QD(MSE)HQKLSFGPRYGFVYELETGEQFLETIEKEQKVTTIVVNIYEDGVRGCDALNSSLEC
LAAEYP(MSE)VKFCKIRASNTGAGDRFSSDVLPTLLVYKGGELISNFISVAEQFAEDFFAADVESFLNEYGLLPER
;
P
#
loop_
_chem_comp.id
_chem_comp.type
_chem_comp.name
_chem_comp.formula
GD non-polymer 'GADOLINIUM ATOM' Gd
#
# COMPACT_ATOMS: atom_id res chain seq x y z
N MET A 1 21.35 -26.24 37.11
CA MET A 1 20.61 -26.02 35.82
C MET A 1 20.23 -24.54 35.75
N SER A 2 20.06 -24.02 34.52
CA SER A 2 19.71 -22.62 34.30
C SER A 2 18.20 -22.39 34.17
N GLU A 3 17.82 -21.12 33.98
CA GLU A 3 16.42 -20.75 33.82
C GLU A 3 16.26 -19.37 33.19
N LEU A 4 15.33 -19.29 32.23
CA LEU A 4 15.04 -18.05 31.51
C LEU A 4 13.62 -17.57 31.77
N ASP A 5 12.78 -18.43 32.36
CA ASP A 5 11.38 -18.09 32.63
C ASP A 5 11.22 -16.80 33.43
N GLN A 6 12.07 -16.61 34.42
CA GLN A 6 12.03 -15.41 35.24
C GLN A 6 12.39 -14.21 34.37
N LEU A 7 13.44 -14.37 33.56
CA LEU A 7 13.92 -13.34 32.65
C LEU A 7 12.84 -12.94 31.61
N ARG A 8 11.84 -13.81 31.46
CA ARG A 8 10.73 -13.61 30.56
C ARG A 8 9.67 -12.74 31.28
N GLN A 9 9.77 -12.63 32.59
CA GLN A 9 8.81 -11.85 33.36
C GLN A 9 9.22 -10.40 33.55
N GLU A 10 10.52 -10.16 33.62
CA GLU A 10 11.00 -8.80 33.80
C GLU A 10 10.65 -8.04 32.53
N ALA A 11 10.70 -8.74 31.40
CA ALA A 11 10.35 -8.13 30.13
C ALA A 11 8.88 -7.68 30.14
N GLU A 12 7.98 -8.55 30.61
CA GLU A 12 6.56 -8.26 30.68
C GLU A 12 6.20 -7.20 31.71
N GLN A 13 6.91 -7.19 32.84
CA GLN A 13 6.62 -6.20 33.85
C GLN A 13 7.12 -4.85 33.34
N LEU A 14 8.26 -4.85 32.68
CA LEU A 14 8.79 -3.64 32.09
C LEU A 14 7.80 -3.13 31.04
N LYS A 15 7.34 -4.03 30.17
CA LYS A 15 6.38 -3.68 29.12
C LYS A 15 5.16 -3.08 29.79
N ASN A 16 4.78 -3.71 30.90
CA ASN A 16 3.65 -3.32 31.72
C ASN A 16 3.87 -1.91 32.26
N GLN A 17 5.13 -1.59 32.57
CA GLN A 17 5.49 -0.27 33.11
C GLN A 17 5.36 0.79 32.03
N ILE A 18 5.82 0.47 30.82
CA ILE A 18 5.73 1.40 29.70
C ILE A 18 4.26 1.59 29.29
N ARG A 19 3.43 0.54 29.39
CA ARG A 19 2.01 0.66 29.04
C ARG A 19 1.38 1.75 29.89
N ASP A 20 1.69 1.73 31.19
CA ASP A 20 1.14 2.68 32.14
C ASP A 20 1.64 4.09 31.87
N ALA A 21 2.95 4.24 31.70
CA ALA A 21 3.53 5.56 31.42
C ALA A 21 2.80 6.17 30.23
N ARG A 22 2.44 5.33 29.27
CA ARG A 22 1.71 5.76 28.09
C ARG A 22 0.26 6.11 28.48
N LYS A 23 -0.41 5.20 29.19
CA LYS A 23 -1.79 5.41 29.59
C LYS A 23 -1.96 6.67 30.45
N ALA A 24 -0.87 7.17 31.02
CA ALA A 24 -0.96 8.37 31.84
C ALA A 24 -1.04 9.64 31.00
N CYS A 25 -0.68 9.53 29.73
CA CYS A 25 -0.72 10.69 28.84
C CYS A 25 -1.83 10.61 27.82
N ALA A 26 -2.53 9.49 27.79
CA ALA A 26 -3.63 9.27 26.86
C ALA A 26 -4.89 9.98 27.36
N ASP A 27 -4.87 11.30 27.36
CA ASP A 27 -6.03 12.07 27.83
C ASP A 27 -7.18 12.08 26.81
N ALA A 28 -6.84 12.20 25.52
CA ALA A 28 -7.85 12.21 24.45
C ALA A 28 -7.26 11.76 23.12
N THR A 29 -8.11 11.35 22.18
CA THR A 29 -7.67 10.90 20.85
C THR A 29 -7.64 12.08 19.85
N LEU A 30 -6.95 11.90 18.73
CA LEU A 30 -6.85 12.93 17.71
C LEU A 30 -8.21 13.43 17.24
N SER A 31 -9.10 12.48 16.93
CA SER A 31 -10.45 12.77 16.45
C SER A 31 -11.20 13.78 17.32
N GLN A 32 -10.95 13.73 18.62
CA GLN A 32 -11.59 14.64 19.60
C GLN A 32 -11.29 16.08 19.27
N ILE A 33 -10.01 16.38 19.11
CA ILE A 33 -9.52 17.71 18.83
C ILE A 33 -9.89 18.21 17.44
N THR A 34 -10.08 17.28 16.50
CA THR A 34 -10.43 17.64 15.13
C THR A 34 -11.94 17.57 14.85
N ASN A 35 -12.73 17.41 15.91
CA ASN A 35 -14.18 17.29 15.75
C ASN A 35 -14.87 18.43 15.01
N ASN A 36 -14.32 19.64 15.13
CA ASN A 36 -14.90 20.81 14.47
C ASN A 36 -14.29 21.09 13.10
N ILE A 37 -13.14 20.50 12.81
CA ILE A 37 -12.47 20.69 11.52
C ILE A 37 -13.39 20.15 10.43
N ASP A 38 -13.54 20.90 9.34
CA ASP A 38 -14.38 20.47 8.23
C ASP A 38 -13.79 19.23 7.57
N PRO A 39 -14.65 18.29 7.16
CA PRO A 39 -14.13 17.08 6.50
C PRO A 39 -13.66 17.56 5.11
N VAL A 40 -12.73 16.82 4.47
CA VAL A 40 -12.31 17.25 3.13
C VAL A 40 -13.39 16.86 2.15
N GLY A 41 -13.34 17.43 0.96
CA GLY A 41 -14.32 17.06 -0.04
C GLY A 41 -14.01 15.63 -0.44
N ARG A 42 -14.99 14.95 -1.02
CA ARG A 42 -14.82 13.58 -1.47
C ARG A 42 -13.64 13.61 -2.42
N ILE A 43 -12.63 12.81 -2.14
CA ILE A 43 -11.43 12.77 -2.96
C ILE A 43 -11.61 11.82 -4.14
N GLN A 44 -11.56 12.35 -5.37
CA GLN A 44 -11.72 11.53 -6.56
C GLN A 44 -10.63 11.81 -7.60
N MET A 45 -9.57 11.02 -7.61
CA MET A 45 -8.49 11.24 -8.56
C MET A 45 -8.73 10.50 -9.87
N ARG A 46 -8.23 11.09 -10.94
CA ARG A 46 -8.38 10.57 -12.27
C ARG A 46 -7.07 10.08 -12.88
N THR A 47 -7.16 9.03 -13.66
CA THR A 47 -5.98 8.48 -14.33
C THR A 47 -5.56 9.46 -15.43
N ARG A 48 -4.29 9.85 -15.46
CA ARG A 48 -3.78 10.79 -16.47
C ARG A 48 -2.80 10.10 -17.40
N ARG A 49 -2.12 9.09 -16.88
CA ARG A 49 -1.12 8.36 -17.64
C ARG A 49 -1.23 6.88 -17.36
N THR A 50 -0.89 6.07 -18.38
CA THR A 50 -0.88 4.62 -18.26
C THR A 50 0.46 4.20 -18.80
N LEU A 51 1.22 3.52 -17.96
CA LEU A 51 2.56 3.07 -18.30
C LEU A 51 2.53 1.61 -18.73
N ARG A 52 2.80 1.39 -20.01
CA ARG A 52 2.78 0.07 -20.59
C ARG A 52 4.20 -0.38 -20.88
N GLY A 53 4.53 -1.62 -20.54
CA GLY A 53 5.88 -2.12 -20.78
C GLY A 53 6.19 -3.38 -20.00
N HIS A 54 5.61 -3.51 -18.81
CA HIS A 54 5.84 -4.68 -17.97
C HIS A 54 4.99 -5.83 -18.49
N LEU A 55 5.51 -7.04 -18.34
CA LEU A 55 4.82 -8.23 -18.82
C LEU A 55 4.31 -9.11 -17.68
N ALA A 56 4.24 -8.55 -16.47
CA ALA A 56 3.77 -9.31 -15.32
C ALA A 56 3.35 -8.39 -14.19
N LYS A 57 2.93 -9.00 -13.08
CA LYS A 57 2.49 -8.31 -11.88
C LYS A 57 3.54 -7.30 -11.44
N ILE A 58 3.10 -6.10 -11.07
CA ILE A 58 4.03 -5.06 -10.59
C ILE A 58 4.10 -5.27 -9.09
N TYR A 59 5.29 -5.50 -8.55
CA TYR A 59 5.45 -5.73 -7.11
C TYR A 59 5.67 -4.49 -6.26
N ALA A 60 6.49 -3.58 -6.76
CA ALA A 60 6.78 -2.38 -6.01
C ALA A 60 7.21 -1.25 -6.94
N MET A 61 7.04 -0.01 -6.49
CA MET A 61 7.45 1.12 -7.28
C MET A 61 7.96 2.16 -6.32
N HIS A 62 8.66 3.17 -6.85
CA HIS A 62 9.18 4.25 -6.03
C HIS A 62 9.46 5.46 -6.91
N TRP A 63 8.97 6.64 -6.49
CA TRP A 63 9.16 7.88 -7.23
C TRP A 63 10.54 8.47 -7.06
N GLY A 64 11.03 9.12 -8.11
CA GLY A 64 12.31 9.78 -8.04
C GLY A 64 11.99 11.16 -7.48
N THR A 65 12.96 11.76 -6.79
CA THR A 65 12.87 13.09 -6.20
C THR A 65 12.38 14.25 -7.08
N ASP A 66 12.48 14.11 -8.40
CA ASP A 66 12.01 15.18 -9.28
C ASP A 66 10.50 15.11 -9.51
N SER A 67 9.85 14.10 -8.95
CA SER A 67 8.41 13.90 -9.10
C SER A 67 8.06 13.68 -10.56
N ARG A 68 8.97 13.08 -11.32
CA ARG A 68 8.71 12.82 -12.73
C ARG A 68 9.22 11.45 -13.12
N LEU A 69 10.45 11.14 -12.68
CA LEU A 69 11.00 9.84 -12.96
C LEU A 69 10.52 8.91 -11.86
N LEU A 70 10.27 7.66 -12.21
CA LEU A 70 9.85 6.68 -11.24
C LEU A 70 10.31 5.32 -11.71
N LEU A 71 10.54 4.45 -10.74
CA LEU A 71 11.01 3.12 -11.00
C LEU A 71 9.98 2.10 -10.56
N SER A 72 9.84 1.02 -11.31
CA SER A 72 8.90 -0.04 -10.99
C SER A 72 9.58 -1.39 -11.11
N ALA A 73 9.33 -2.28 -10.15
CA ALA A 73 9.88 -3.64 -10.15
C ALA A 73 8.73 -4.60 -10.45
N SER A 74 8.96 -5.55 -11.34
CA SER A 74 7.91 -6.48 -11.67
C SER A 74 8.30 -7.93 -11.54
N GLN A 75 7.29 -8.79 -11.62
CA GLN A 75 7.46 -10.23 -11.56
C GLN A 75 8.05 -10.74 -12.88
N ASP A 76 8.27 -9.83 -13.83
CA ASP A 76 8.84 -10.17 -15.12
C ASP A 76 10.36 -10.07 -15.09
N GLY A 77 10.91 -9.85 -13.89
CA GLY A 77 12.34 -9.72 -13.74
C GLY A 77 12.87 -8.46 -14.40
N LYS A 78 12.11 -7.36 -14.31
CA LYS A 78 12.52 -6.09 -14.91
C LYS A 78 12.32 -4.92 -13.97
N LEU A 79 13.19 -3.94 -14.14
CA LEU A 79 13.16 -2.69 -13.39
C LEU A 79 13.07 -1.64 -14.49
N ILE A 80 12.08 -0.76 -14.40
CA ILE A 80 11.91 0.24 -15.43
C ILE A 80 11.82 1.64 -14.82
N ILE A 81 12.64 2.54 -15.35
CA ILE A 81 12.70 3.94 -14.94
C ILE A 81 11.86 4.69 -15.97
N TRP A 82 10.71 5.19 -15.57
CA TRP A 82 9.83 5.87 -16.47
C TRP A 82 9.82 7.36 -16.33
N ASP A 83 9.43 7.99 -17.43
CA ASP A 83 9.22 9.42 -17.46
C ASP A 83 7.70 9.42 -17.40
N SER A 84 7.16 9.78 -16.24
CA SER A 84 5.71 9.78 -16.05
C SER A 84 4.94 10.79 -16.91
N TYR A 85 5.53 11.97 -17.17
CA TYR A 85 4.84 12.99 -17.95
C TYR A 85 4.54 12.58 -19.39
N THR A 86 5.43 11.79 -19.97
CA THR A 86 5.26 11.37 -21.36
C THR A 86 4.95 9.90 -21.52
N THR A 87 5.08 9.16 -20.42
CA THR A 87 4.86 7.70 -20.36
C THR A 87 6.00 6.96 -21.07
N ASN A 88 7.06 7.68 -21.42
CA ASN A 88 8.20 7.06 -22.08
C ASN A 88 9.11 6.35 -21.09
N LYS A 89 9.72 5.29 -21.55
CA LYS A 89 10.63 4.48 -20.77
C LYS A 89 12.06 5.01 -20.97
N VAL A 90 12.76 5.33 -19.89
CA VAL A 90 14.12 5.85 -19.96
C VAL A 90 15.21 4.75 -19.89
N HIS A 91 14.98 3.75 -19.05
CA HIS A 91 15.92 2.64 -18.88
C HIS A 91 15.06 1.40 -18.66
N ALA A 92 15.65 0.22 -18.81
CA ALA A 92 14.97 -1.06 -18.58
C ALA A 92 16.08 -1.95 -18.09
N ILE A 93 15.91 -2.51 -16.90
CA ILE A 93 16.97 -3.31 -16.30
C ILE A 93 16.58 -4.75 -16.00
N PRO A 94 17.21 -5.73 -16.70
CA PRO A 94 16.92 -7.16 -16.50
C PRO A 94 17.51 -7.61 -15.18
N LEU A 95 16.67 -8.23 -14.37
CA LEU A 95 17.03 -8.73 -13.06
C LEU A 95 17.21 -10.22 -13.18
N ARG A 96 17.69 -10.84 -12.12
CA ARG A 96 17.90 -12.26 -12.17
C ARG A 96 16.77 -13.01 -11.48
N SER A 97 16.00 -12.31 -10.65
CA SER A 97 14.90 -12.93 -9.94
C SER A 97 13.60 -12.20 -10.28
N SER A 98 12.54 -12.98 -10.41
CA SER A 98 11.22 -12.44 -10.67
C SER A 98 10.65 -11.97 -9.32
N TRP A 99 11.12 -12.60 -8.25
CA TRP A 99 10.67 -12.34 -6.88
C TRP A 99 11.29 -11.11 -6.26
N VAL A 100 10.88 -9.95 -6.76
CA VAL A 100 11.39 -8.66 -6.32
C VAL A 100 10.38 -8.09 -5.38
N MET A 101 10.77 -7.89 -4.13
CA MET A 101 9.86 -7.36 -3.14
C MET A 101 9.88 -5.83 -3.08
N THR A 102 11.00 -5.23 -3.43
CA THR A 102 11.12 -3.79 -3.32
C THR A 102 12.09 -3.20 -4.34
N CYS A 103 12.01 -1.87 -4.50
CA CYS A 103 12.91 -1.12 -5.38
C CYS A 103 12.99 0.31 -4.86
N ALA A 104 14.14 0.95 -5.03
CA ALA A 104 14.34 2.30 -4.55
C ALA A 104 15.04 3.16 -5.57
N TYR A 105 14.87 4.46 -5.41
CA TYR A 105 15.45 5.44 -6.31
C TYR A 105 16.29 6.38 -5.45
N ALA A 106 17.58 6.49 -5.75
CA ALA A 106 18.44 7.39 -4.99
C ALA A 106 17.92 8.78 -5.20
N PRO A 107 17.83 9.59 -4.15
CA PRO A 107 17.33 10.96 -4.30
C PRO A 107 18.04 11.81 -5.37
N SER A 108 19.22 11.36 -5.78
CA SER A 108 20.04 12.03 -6.79
C SER A 108 19.71 11.60 -8.21
N GLY A 109 19.08 10.45 -8.36
CA GLY A 109 18.74 9.96 -9.67
C GLY A 109 19.93 9.25 -10.30
N ASN A 110 21.06 9.20 -9.60
CA ASN A 110 22.22 8.52 -10.17
C ASN A 110 22.06 7.03 -10.04
N TYR A 111 21.44 6.61 -8.94
CA TYR A 111 21.25 5.19 -8.67
C TYR A 111 19.82 4.78 -8.36
N VAL A 112 19.59 3.49 -8.50
CA VAL A 112 18.32 2.85 -8.25
C VAL A 112 18.73 1.49 -7.66
N ALA A 113 17.91 0.94 -6.76
CA ALA A 113 18.22 -0.33 -6.11
C ALA A 113 17.01 -1.24 -6.04
N CYS A 114 17.21 -2.52 -5.70
CA CYS A 114 16.12 -3.49 -5.61
C CYS A 114 16.58 -4.84 -5.01
N GLY A 115 15.63 -5.66 -4.54
CA GLY A 115 15.95 -6.95 -3.95
C GLY A 115 14.69 -7.74 -3.63
N GLY A 116 14.83 -9.03 -3.33
CA GLY A 116 13.66 -9.85 -3.00
C GLY A 116 13.99 -11.17 -2.31
N LEU A 117 13.47 -12.27 -2.84
CA LEU A 117 13.73 -13.60 -2.26
C LEU A 117 15.18 -14.05 -2.39
N ASP A 118 15.97 -13.25 -3.08
CA ASP A 118 17.40 -13.49 -3.29
C ASP A 118 18.21 -13.04 -2.06
N ASN A 119 17.56 -12.38 -1.11
CA ASN A 119 18.21 -11.93 0.13
C ASN A 119 19.28 -10.87 -0.16
N ILE A 120 19.33 -10.39 -1.40
CA ILE A 120 20.33 -9.43 -1.79
C ILE A 120 19.75 -8.08 -2.21
N CYS A 121 20.53 -7.02 -2.02
CA CYS A 121 20.13 -5.69 -2.44
C CYS A 121 21.05 -5.26 -3.58
N SER A 122 20.55 -5.30 -4.81
CA SER A 122 21.30 -4.93 -6.01
C SER A 122 21.19 -3.42 -6.28
N ILE A 123 22.31 -2.80 -6.59
CA ILE A 123 22.35 -1.35 -6.87
C ILE A 123 22.75 -1.13 -8.31
N TYR A 124 22.05 -0.21 -8.98
CA TYR A 124 22.32 0.06 -10.38
C TYR A 124 22.66 1.52 -10.61
N ASN A 125 23.84 1.75 -11.17
CA ASN A 125 24.27 3.09 -11.48
C ASN A 125 23.63 3.41 -12.82
N LEU A 126 22.85 4.49 -12.85
CA LEU A 126 22.16 4.91 -14.06
C LEU A 126 23.04 5.79 -14.92
N LYS A 127 24.04 6.43 -14.30
CA LYS A 127 24.96 7.31 -14.99
C LYS A 127 26.01 6.55 -15.80
N THR A 128 26.68 5.59 -15.17
CA THR A 128 27.69 4.78 -15.86
C THR A 128 26.97 3.88 -16.87
N ARG A 129 25.64 3.96 -16.85
CA ARG A 129 24.79 3.20 -17.75
C ARG A 129 25.04 1.70 -17.69
N GLU A 130 24.46 1.09 -16.67
CA GLU A 130 24.57 -0.34 -16.43
C GLU A 130 23.27 -1.05 -16.79
N GLY A 131 22.56 -0.47 -17.77
CA GLY A 131 21.30 -1.02 -18.21
C GLY A 131 21.28 -2.45 -18.75
N ASN A 132 22.30 -2.81 -19.52
CA ASN A 132 22.35 -4.15 -20.12
C ASN A 132 22.96 -5.30 -19.28
N VAL A 133 24.19 -5.12 -18.82
CA VAL A 133 24.89 -6.18 -18.11
C VAL A 133 25.34 -5.86 -16.66
N ARG A 134 25.83 -4.64 -16.45
CA ARG A 134 26.37 -4.25 -15.16
C ARG A 134 25.39 -4.11 -14.01
N VAL A 135 25.91 -4.37 -12.83
CA VAL A 135 25.18 -4.26 -11.57
C VAL A 135 26.24 -3.69 -10.64
N SER A 136 26.18 -2.38 -10.40
CA SER A 136 27.12 -1.67 -9.53
C SER A 136 27.60 -2.51 -8.33
N ARG A 137 26.69 -2.79 -7.40
CA ARG A 137 27.05 -3.56 -6.22
C ARG A 137 25.90 -4.47 -5.82
N GLU A 138 26.24 -5.64 -5.31
CA GLU A 138 25.25 -6.57 -4.80
C GLU A 138 25.57 -6.60 -3.31
N LEU A 139 24.63 -6.15 -2.48
CA LEU A 139 24.83 -6.13 -1.04
C LEU A 139 24.37 -7.46 -0.39
N ALA A 140 25.34 -8.35 -0.17
CA ALA A 140 25.08 -9.65 0.44
C ALA A 140 25.26 -9.50 1.94
N GLY A 141 24.44 -10.19 2.71
CA GLY A 141 24.55 -10.11 4.15
C GLY A 141 23.35 -10.70 4.88
N HIS A 142 22.16 -10.23 4.54
CA HIS A 142 20.95 -10.71 5.16
C HIS A 142 20.77 -12.18 4.95
N THR A 143 20.25 -12.85 5.95
CA THR A 143 19.98 -14.27 5.87
C THR A 143 18.49 -14.52 5.60
N GLY A 144 17.77 -13.44 5.29
CA GLY A 144 16.36 -13.50 4.99
C GLY A 144 16.10 -12.61 3.80
N TYR A 145 14.92 -12.73 3.19
CA TYR A 145 14.57 -11.93 2.01
C TYR A 145 14.73 -10.44 2.27
N LEU A 146 14.86 -9.67 1.19
CA LEU A 146 15.00 -8.23 1.32
C LEU A 146 13.63 -7.59 1.18
N SER A 147 13.03 -7.19 2.29
CA SER A 147 11.69 -6.61 2.23
C SER A 147 11.59 -5.16 1.75
N CYS A 148 12.57 -4.33 2.07
CA CYS A 148 12.52 -2.92 1.67
C CYS A 148 13.90 -2.29 1.67
N CYS A 149 14.04 -1.16 0.99
CA CYS A 149 15.31 -0.43 0.96
C CYS A 149 15.13 1.03 0.53
N ARG A 150 15.89 1.93 1.13
CA ARG A 150 15.82 3.36 0.81
C ARG A 150 17.22 4.00 0.94
N PHE A 151 17.63 4.77 -0.07
CA PHE A 151 18.93 5.41 -0.07
C PHE A 151 18.94 6.60 0.87
N LEU A 152 20.07 6.78 1.57
CA LEU A 152 20.25 7.93 2.46
C LEU A 152 20.92 8.99 1.59
N ASP A 153 21.68 8.49 0.62
CA ASP A 153 22.43 9.27 -0.35
C ASP A 153 23.08 8.23 -1.25
N ASP A 154 24.10 8.62 -2.00
CA ASP A 154 24.76 7.71 -2.92
C ASP A 154 25.64 6.60 -2.37
N ASN A 155 26.21 6.78 -1.18
CA ASN A 155 27.09 5.78 -0.59
C ASN A 155 26.50 5.12 0.65
N GLN A 156 25.22 5.34 0.90
CA GLN A 156 24.57 4.79 2.09
C GLN A 156 23.14 4.36 1.84
N ILE A 157 22.83 3.10 2.08
CA ILE A 157 21.47 2.61 1.89
C ILE A 157 21.06 1.76 3.08
N VAL A 158 19.78 1.84 3.47
CA VAL A 158 19.24 1.08 4.59
C VAL A 158 18.28 0.04 4.06
N THR A 159 18.40 -1.19 4.54
CA THR A 159 17.53 -2.28 4.10
C THR A 159 16.83 -2.95 5.28
N SER A 160 15.68 -3.58 5.02
CA SER A 160 14.98 -4.31 6.07
C SER A 160 14.91 -5.75 5.58
N SER A 161 14.84 -6.71 6.50
CA SER A 161 14.83 -8.10 6.07
C SER A 161 13.96 -9.07 6.83
N GLY A 162 13.71 -10.20 6.16
CA GLY A 162 12.94 -11.24 6.78
C GLY A 162 13.79 -11.95 7.82
N ASP A 163 15.09 -11.63 7.89
CA ASP A 163 15.98 -12.25 8.87
C ASP A 163 15.84 -11.59 10.24
N THR A 164 14.86 -10.70 10.37
CA THR A 164 14.58 -9.98 11.61
C THR A 164 15.42 -8.70 11.78
N THR A 165 16.22 -8.42 10.77
CA THR A 165 17.12 -7.28 10.82
C THR A 165 16.89 -6.19 9.77
N CYS A 166 17.61 -5.10 9.98
CA CYS A 166 17.67 -3.92 9.14
C CYS A 166 19.17 -3.64 9.12
N ALA A 167 19.69 -3.09 8.02
CA ALA A 167 21.11 -2.81 7.95
C ALA A 167 21.44 -1.56 7.15
N LEU A 168 22.45 -0.83 7.61
CA LEU A 168 22.93 0.38 6.97
C LEU A 168 24.21 0.00 6.26
N TRP A 169 24.25 0.13 4.94
CA TRP A 169 25.44 -0.22 4.17
C TRP A 169 26.21 0.93 3.57
N ASP A 170 27.50 0.71 3.42
CA ASP A 170 28.36 1.69 2.76
C ASP A 170 28.41 1.08 1.38
N ILE A 171 27.85 1.80 0.41
CA ILE A 171 27.78 1.35 -0.98
C ILE A 171 29.14 1.13 -1.61
N GLU A 172 30.11 1.98 -1.31
CA GLU A 172 31.46 1.82 -1.89
C GLU A 172 32.12 0.51 -1.46
N THR A 173 32.35 0.33 -0.17
CA THR A 173 32.97 -0.91 0.29
C THR A 173 32.00 -2.07 0.12
N GLY A 174 30.71 -1.79 0.31
CA GLY A 174 29.70 -2.83 0.18
C GLY A 174 29.59 -3.65 1.46
N GLN A 175 29.93 -3.00 2.58
CA GLN A 175 29.90 -3.63 3.90
C GLN A 175 28.73 -3.15 4.74
N GLN A 176 28.21 -4.07 5.55
CA GLN A 176 27.07 -3.80 6.43
C GLN A 176 27.57 -2.92 7.57
N THR A 177 27.76 -1.63 7.28
CA THR A 177 28.25 -0.67 8.26
C THR A 177 27.54 -0.83 9.60
N THR A 178 26.21 -0.77 9.60
CA THR A 178 25.44 -0.91 10.82
C THR A 178 24.45 -2.06 10.71
N THR A 179 24.07 -2.62 11.86
CA THR A 179 23.12 -3.69 11.89
C THR A 179 22.13 -3.30 12.97
N PHE A 180 20.87 -3.22 12.61
CA PHE A 180 19.82 -2.86 13.57
C PHE A 180 19.06 -4.11 13.91
N THR A 181 19.27 -4.58 15.14
CA THR A 181 18.63 -5.79 15.63
C THR A 181 17.72 -5.39 16.78
N GLY A 182 16.66 -6.15 16.98
CA GLY A 182 15.72 -5.87 18.06
C GLY A 182 14.37 -6.50 17.79
N HIS A 183 13.96 -6.48 16.54
CA HIS A 183 12.67 -7.07 16.20
C HIS A 183 12.73 -8.55 16.50
N THR A 184 11.58 -9.14 16.82
CA THR A 184 11.51 -10.57 17.10
C THR A 184 10.85 -11.32 15.94
N GLY A 185 10.48 -10.58 14.90
CA GLY A 185 9.86 -11.16 13.71
C GLY A 185 10.30 -10.44 12.42
N ASP A 186 10.01 -11.04 11.27
CA ASP A 186 10.37 -10.49 9.94
C ASP A 186 10.14 -8.97 9.69
N VAL A 187 11.19 -8.22 9.36
CA VAL A 187 11.03 -6.80 9.11
C VAL A 187 10.41 -6.70 7.73
N MET A 188 9.23 -6.09 7.66
CA MET A 188 8.46 -5.95 6.43
C MET A 188 8.64 -4.69 5.61
N SER A 189 9.05 -3.60 6.27
CA SER A 189 9.16 -2.32 5.57
C SER A 189 9.82 -1.31 6.49
N LEU A 190 10.29 -0.22 5.89
CA LEU A 190 10.94 0.86 6.64
C LEU A 190 10.64 2.21 6.00
N SER A 191 10.83 3.28 6.77
CA SER A 191 10.61 4.63 6.26
C SER A 191 11.66 5.58 6.87
N LEU A 192 12.42 6.26 6.01
CA LEU A 192 13.44 7.22 6.44
C LEU A 192 12.79 8.51 6.90
N ALA A 193 13.32 9.08 7.99
CA ALA A 193 12.80 10.36 8.46
C ALA A 193 13.22 11.35 7.38
N PRO A 194 12.48 12.45 7.22
CA PRO A 194 12.88 13.42 6.19
C PRO A 194 14.34 13.86 6.30
N ASP A 195 14.83 13.99 7.53
CA ASP A 195 16.21 14.44 7.77
C ASP A 195 17.26 13.32 7.64
N THR A 196 16.78 12.08 7.51
CA THR A 196 17.62 10.89 7.36
C THR A 196 18.54 10.54 8.55
N ARG A 197 18.31 11.20 9.68
CA ARG A 197 19.08 10.91 10.88
C ARG A 197 18.39 9.72 11.56
N LEU A 198 17.09 9.67 11.38
CA LEU A 198 16.28 8.60 11.93
C LEU A 198 15.49 7.89 10.87
N PHE A 199 15.05 6.69 11.23
CA PHE A 199 14.23 5.90 10.35
C PHE A 199 13.39 4.99 11.23
N VAL A 200 12.30 4.51 10.66
CA VAL A 200 11.38 3.65 11.40
C VAL A 200 11.16 2.35 10.61
N SER A 201 10.77 1.28 11.31
CA SER A 201 10.56 -0.02 10.69
C SER A 201 9.39 -0.80 11.24
N GLY A 202 8.67 -1.49 10.35
CA GLY A 202 7.54 -2.31 10.76
C GLY A 202 7.90 -3.77 10.60
N ALA A 203 7.42 -4.62 11.50
CA ALA A 203 7.77 -6.03 11.41
C ALA A 203 6.66 -6.97 11.85
N CYS A 204 6.89 -8.25 11.66
CA CYS A 204 5.91 -9.28 12.02
C CYS A 204 5.74 -9.61 13.49
N ASP A 205 6.36 -8.81 14.35
CA ASP A 205 6.25 -8.98 15.80
C ASP A 205 5.16 -8.02 16.29
N ALA A 206 4.60 -7.28 15.33
CA ALA A 206 3.55 -6.30 15.57
C ALA A 206 4.06 -5.02 16.22
N SER A 207 5.33 -4.71 15.99
CA SER A 207 5.91 -3.50 16.55
C SER A 207 6.63 -2.65 15.51
N ALA A 208 6.68 -1.34 15.74
CA ALA A 208 7.39 -0.43 14.84
C ALA A 208 8.52 0.09 15.71
N LYS A 209 9.73 0.14 15.16
CA LYS A 209 10.86 0.59 15.95
C LYS A 209 11.51 1.79 15.34
N LEU A 210 11.78 2.79 16.16
CA LEU A 210 12.45 3.99 15.68
C LEU A 210 13.92 3.72 15.89
N TRP A 211 14.73 3.87 14.84
CA TRP A 211 16.16 3.62 14.94
C TRP A 211 16.99 4.85 14.61
N ASP A 212 18.10 5.02 15.32
CA ASP A 212 18.99 6.14 15.04
C ASP A 212 20.02 5.59 14.04
N VAL A 213 20.13 6.22 12.88
CA VAL A 213 21.06 5.75 11.86
C VAL A 213 22.51 6.01 12.27
N ARG A 214 22.82 7.25 12.59
CA ARG A 214 24.16 7.63 12.98
C ARG A 214 24.61 6.90 14.24
N GLU A 215 23.69 6.66 15.16
CA GLU A 215 24.03 5.99 16.41
C GLU A 215 23.95 4.47 16.36
N GLY A 216 23.11 3.94 15.47
CA GLY A 216 23.01 2.50 15.34
C GLY A 216 22.14 1.70 16.30
N MET A 217 21.14 2.32 16.92
CA MET A 217 20.28 1.57 17.83
C MET A 217 18.84 2.03 17.89
N CYS A 218 17.98 1.19 18.44
CA CYS A 218 16.57 1.48 18.57
C CYS A 218 16.31 2.54 19.65
N ARG A 219 15.60 3.59 19.29
CA ARG A 219 15.27 4.64 20.25
C ARG A 219 13.98 4.29 20.97
N GLN A 220 12.98 3.75 20.23
CA GLN A 220 11.67 3.39 20.81
C GLN A 220 10.98 2.22 20.07
N THR A 221 10.06 1.54 20.76
CA THR A 221 9.30 0.43 20.18
C THR A 221 7.80 0.62 20.43
N PHE A 222 7.09 0.89 19.35
CA PHE A 222 5.67 1.14 19.38
C PHE A 222 4.91 -0.14 19.21
N THR A 223 3.75 -0.20 19.84
CA THR A 223 2.91 -1.37 19.78
C THR A 223 1.45 -0.95 19.85
N GLY A 224 0.56 -1.84 19.43
CA GLY A 224 -0.85 -1.51 19.45
C GLY A 224 -1.56 -2.51 18.57
N HIS A 225 -0.95 -2.79 17.43
CA HIS A 225 -1.50 -3.76 16.51
C HIS A 225 -1.29 -5.09 17.21
N GLU A 226 -2.21 -6.01 17.00
CA GLU A 226 -2.09 -7.35 17.57
C GLU A 226 -1.61 -8.23 16.43
N SER A 227 -1.50 -7.62 15.24
CA SER A 227 -1.05 -8.28 14.03
C SER A 227 0.18 -7.62 13.37
N ASP A 228 0.76 -8.37 12.43
CA ASP A 228 1.93 -7.97 11.68
C ASP A 228 1.78 -6.59 11.07
N ILE A 229 2.82 -5.78 11.15
CA ILE A 229 2.79 -4.48 10.52
C ILE A 229 3.41 -4.79 9.14
N ASN A 230 2.68 -4.46 8.08
CA ASN A 230 3.13 -4.73 6.72
C ASN A 230 3.66 -3.53 5.98
N ALA A 231 3.39 -2.34 6.49
CA ALA A 231 3.81 -1.12 5.85
C ALA A 231 3.91 -0.01 6.86
N ILE A 232 4.83 0.92 6.60
CA ILE A 232 5.08 2.03 7.50
C ILE A 232 5.51 3.22 6.65
N CYS A 233 5.15 4.42 7.10
CA CYS A 233 5.51 5.63 6.36
C CYS A 233 5.69 6.79 7.31
N PHE A 234 6.78 7.54 7.15
CA PHE A 234 7.00 8.70 8.00
C PHE A 234 6.06 9.80 7.58
N PHE A 235 5.68 10.63 8.55
CA PHE A 235 4.80 11.77 8.32
C PHE A 235 5.70 12.93 7.89
N PRO A 236 5.24 13.78 6.94
CA PRO A 236 5.97 14.94 6.42
C PRO A 236 6.84 15.77 7.36
N ASN A 237 6.41 15.97 8.61
CA ASN A 237 7.20 16.78 9.53
C ASN A 237 8.20 16.01 10.38
N GLY A 238 8.25 14.70 10.18
CA GLY A 238 9.18 13.86 10.94
C GLY A 238 8.85 13.51 12.38
N ASN A 239 7.74 14.03 12.90
CA ASN A 239 7.35 13.77 14.29
C ASN A 239 6.37 12.62 14.48
N ALA A 240 5.92 12.02 13.39
CA ALA A 240 4.97 10.91 13.49
C ALA A 240 5.17 10.00 12.29
N PHE A 241 4.35 8.95 12.22
CA PHE A 241 4.40 8.02 11.09
C PHE A 241 3.15 7.18 11.13
N ALA A 242 2.82 6.53 10.02
CA ALA A 242 1.63 5.68 9.98
C ALA A 242 2.05 4.27 9.70
N THR A 243 1.24 3.34 10.14
CA THR A 243 1.47 1.91 9.96
C THR A 243 0.18 1.27 9.44
N GLY A 244 0.34 0.17 8.71
CA GLY A 244 -0.80 -0.54 8.19
C GLY A 244 -0.54 -2.01 8.46
N SER A 245 -1.57 -2.75 8.84
CA SER A 245 -1.34 -4.14 9.18
C SER A 245 -2.38 -5.16 8.81
N ASP A 246 -2.02 -6.41 9.10
CA ASP A 246 -2.89 -7.54 8.88
C ASP A 246 -4.17 -7.40 9.72
N ASP A 247 -4.18 -6.52 10.73
CA ASP A 247 -5.38 -6.36 11.56
C ASP A 247 -6.44 -5.45 10.95
N ALA A 248 -6.22 -5.13 9.68
CA ALA A 248 -7.10 -4.28 8.86
C ALA A 248 -7.22 -2.84 9.32
N THR A 249 -6.29 -2.39 10.15
CA THR A 249 -6.30 -1.02 10.64
C THR A 249 -4.99 -0.31 10.29
N CYS A 250 -5.05 1.02 10.30
CA CYS A 250 -3.91 1.88 10.05
C CYS A 250 -3.80 2.64 11.35
N ARG A 251 -2.59 2.98 11.76
CA ARG A 251 -2.44 3.70 13.00
C ARG A 251 -1.48 4.85 12.86
N LEU A 252 -1.84 5.99 13.44
CA LEU A 252 -0.98 7.17 13.41
C LEU A 252 -0.19 7.19 14.73
N PHE A 253 1.14 7.07 14.65
CA PHE A 253 1.97 7.08 15.85
C PHE A 253 2.75 8.38 15.94
N ASP A 254 2.70 9.02 17.11
CA ASP A 254 3.46 10.25 17.32
C ASP A 254 4.72 9.89 18.10
N LEU A 255 5.87 10.30 17.58
CA LEU A 255 7.14 10.01 18.23
C LEU A 255 7.25 10.57 19.65
N ARG A 256 6.96 11.86 19.83
CA ARG A 256 7.05 12.48 21.15
C ARG A 256 6.11 11.82 22.15
N ALA A 257 4.92 11.42 21.70
CA ALA A 257 3.96 10.76 22.59
C ALA A 257 4.27 9.28 22.81
N ASP A 258 5.12 8.71 21.97
CA ASP A 258 5.52 7.29 22.02
C ASP A 258 4.30 6.33 22.00
N GLN A 259 3.22 6.77 21.36
CA GLN A 259 2.01 5.95 21.29
C GLN A 259 1.09 6.42 20.16
N GLU A 260 0.13 5.56 19.80
CA GLU A 260 -0.79 5.89 18.75
C GLU A 260 -1.69 7.06 19.10
N LEU A 261 -1.85 7.94 18.12
CA LEU A 261 -2.69 9.12 18.22
C LEU A 261 -4.05 8.89 17.59
N MET A 262 -4.14 7.91 16.70
CA MET A 262 -5.38 7.63 15.98
C MET A 262 -5.31 6.30 15.23
N THR A 263 -6.48 5.71 15.01
CA THR A 263 -6.57 4.46 14.27
C THR A 263 -7.59 4.70 13.19
N TYR A 264 -7.37 4.06 12.05
CA TYR A 264 -8.26 4.19 10.92
C TYR A 264 -8.79 2.82 10.53
N SER A 265 -10.09 2.62 10.70
CA SER A 265 -10.70 1.34 10.36
C SER A 265 -12.21 1.43 10.11
N HIS A 266 -12.76 0.42 9.45
CA HIS A 266 -14.19 0.34 9.18
C HIS A 266 -14.54 -1.13 9.20
N ASP A 267 -15.74 -1.44 9.70
CA ASP A 267 -16.22 -2.81 9.80
C ASP A 267 -16.26 -3.53 8.45
N ASN A 268 -16.52 -2.76 7.40
CA ASN A 268 -16.57 -3.28 6.04
C ASN A 268 -15.20 -3.60 5.46
N ILE A 269 -14.15 -3.12 6.12
CA ILE A 269 -12.80 -3.37 5.67
C ILE A 269 -12.28 -4.57 6.46
N ILE A 270 -11.91 -5.63 5.76
CA ILE A 270 -11.45 -6.87 6.40
C ILE A 270 -10.12 -7.44 5.91
N CYS A 271 -9.46 -6.74 4.99
CA CYS A 271 -8.21 -7.23 4.45
C CYS A 271 -7.06 -6.49 5.07
N GLY A 272 -5.91 -7.14 5.05
CA GLY A 272 -4.72 -6.51 5.58
C GLY A 272 -4.26 -5.34 4.72
N ILE A 273 -3.70 -4.33 5.37
CA ILE A 273 -3.18 -3.16 4.67
C ILE A 273 -1.73 -3.48 4.35
N THR A 274 -1.32 -3.29 3.10
CA THR A 274 0.05 -3.58 2.74
C THR A 274 0.70 -2.37 2.12
N SER A 275 0.04 -1.23 2.18
CA SER A 275 0.61 -0.06 1.58
C SER A 275 0.01 1.19 2.21
N VAL A 276 0.87 2.11 2.68
CA VAL A 276 0.42 3.38 3.27
C VAL A 276 1.31 4.51 2.74
N SER A 277 0.71 5.67 2.47
CA SER A 277 1.43 6.84 1.97
C SER A 277 0.63 8.10 2.28
N PHE A 278 1.32 9.17 2.63
CA PHE A 278 0.68 10.44 2.96
C PHE A 278 0.68 11.39 1.79
N SER A 279 -0.28 12.29 1.79
CA SER A 279 -0.33 13.31 0.75
C SER A 279 0.71 14.33 1.24
N LYS A 280 1.04 15.30 0.42
CA LYS A 280 2.04 16.31 0.75
C LYS A 280 1.83 17.00 2.11
N SER A 281 0.61 17.45 2.39
CA SER A 281 0.29 18.14 3.65
C SER A 281 0.10 17.16 4.78
N GLY A 282 -0.12 15.88 4.43
CA GLY A 282 -0.34 14.86 5.42
C GLY A 282 -1.80 14.78 5.79
N ARG A 283 -2.65 15.57 5.13
CA ARG A 283 -4.08 15.53 5.42
C ARG A 283 -4.65 14.17 4.99
N LEU A 284 -4.06 13.60 3.95
CA LEU A 284 -4.53 12.33 3.44
C LEU A 284 -3.57 11.18 3.68
N LEU A 285 -4.14 10.03 4.05
CA LEU A 285 -3.41 8.79 4.27
C LEU A 285 -4.06 7.80 3.30
N LEU A 286 -3.28 7.36 2.32
CA LEU A 286 -3.77 6.44 1.33
C LEU A 286 -3.31 5.07 1.75
N ALA A 287 -4.23 4.12 1.77
CA ALA A 287 -3.90 2.78 2.18
C ALA A 287 -4.25 1.77 1.09
N GLY A 288 -3.35 0.84 0.82
CA GLY A 288 -3.59 -0.20 -0.18
C GLY A 288 -3.81 -1.52 0.55
N TYR A 289 -4.87 -2.22 0.19
CA TYR A 289 -5.25 -3.47 0.83
C TYR A 289 -4.92 -4.73 0.02
N ASP A 290 -4.78 -5.85 0.72
CA ASP A 290 -4.42 -7.13 0.11
C ASP A 290 -5.37 -7.62 -0.97
N ASP A 291 -6.59 -7.09 -0.98
CA ASP A 291 -7.59 -7.43 -1.99
C ASP A 291 -7.45 -6.51 -3.23
N PHE A 292 -6.38 -5.72 -3.25
CA PHE A 292 -6.04 -4.80 -4.35
C PHE A 292 -6.79 -3.49 -4.38
N ASN A 293 -7.46 -3.18 -3.29
CA ASN A 293 -8.19 -1.92 -3.22
C ASN A 293 -7.43 -0.86 -2.46
N CYS A 294 -7.79 0.39 -2.68
CA CYS A 294 -7.12 1.50 -2.02
C CYS A 294 -8.12 2.51 -1.49
N ASN A 295 -8.02 2.83 -0.20
CA ASN A 295 -8.90 3.80 0.44
C ASN A 295 -8.10 5.03 0.80
N VAL A 296 -8.72 6.18 0.64
CA VAL A 296 -8.09 7.43 1.00
C VAL A 296 -8.73 7.83 2.34
N TRP A 297 -7.90 7.99 3.36
CA TRP A 297 -8.33 8.37 4.70
C TRP A 297 -8.03 9.82 4.98
N ASP A 298 -8.96 10.50 5.63
CA ASP A 298 -8.75 11.87 6.05
C ASP A 298 -8.05 11.64 7.36
N ALA A 299 -6.74 11.89 7.38
CA ALA A 299 -5.92 11.66 8.56
C ALA A 299 -6.41 12.38 9.82
N LEU A 300 -7.03 13.54 9.67
CA LEU A 300 -7.51 14.29 10.81
C LEU A 300 -8.77 13.73 11.43
N LYS A 301 -9.78 13.56 10.58
CA LYS A 301 -11.09 13.08 11.00
C LYS A 301 -11.26 11.57 11.15
N ALA A 302 -10.32 10.81 10.60
CA ALA A 302 -10.35 9.36 10.70
C ALA A 302 -11.55 8.72 9.99
N ASP A 303 -11.99 9.38 8.95
CA ASP A 303 -13.10 8.86 8.15
C ASP A 303 -12.56 8.67 6.76
N ARG A 304 -13.18 7.80 5.97
CA ARG A 304 -12.72 7.60 4.62
C ARG A 304 -13.12 8.83 3.84
N ALA A 305 -12.16 9.44 3.16
CA ALA A 305 -12.39 10.63 2.34
C ALA A 305 -12.67 10.23 0.90
N GLY A 306 -12.21 9.05 0.50
CA GLY A 306 -12.43 8.61 -0.86
C GLY A 306 -11.85 7.24 -1.14
N VAL A 307 -11.89 6.84 -2.40
CA VAL A 307 -11.42 5.55 -2.87
C VAL A 307 -10.51 5.81 -4.07
N LEU A 308 -9.31 5.22 -4.09
CA LEU A 308 -8.41 5.42 -5.23
C LEU A 308 -8.56 4.22 -6.15
N ALA A 309 -8.82 4.49 -7.43
CA ALA A 309 -8.99 3.48 -8.47
C ALA A 309 -10.31 2.72 -8.43
N GLY A 310 -11.36 3.40 -7.95
CA GLY A 310 -12.73 2.85 -7.89
C GLY A 310 -13.01 1.44 -7.39
N HIS A 311 -12.13 0.89 -6.58
CA HIS A 311 -12.30 -0.46 -6.06
C HIS A 311 -12.39 -1.47 -7.21
N ASP A 312 -11.46 -1.36 -8.13
CA ASP A 312 -11.39 -2.23 -9.29
C ASP A 312 -10.51 -3.44 -9.03
N ASN A 313 -10.08 -3.57 -7.78
CA ASN A 313 -9.23 -4.67 -7.36
C ASN A 313 -8.00 -4.77 -8.27
N ARG A 314 -7.49 -3.61 -8.69
CA ARG A 314 -6.32 -3.55 -9.56
C ARG A 314 -5.11 -2.83 -9.01
N VAL A 315 -5.07 -2.55 -7.71
CA VAL A 315 -3.90 -1.88 -7.15
C VAL A 315 -3.07 -2.82 -6.29
N SER A 316 -1.79 -2.92 -6.64
CA SER A 316 -0.86 -3.80 -5.93
C SER A 316 0.21 -3.05 -5.14
N CYS A 317 0.33 -1.75 -5.41
CA CYS A 317 1.29 -0.90 -4.72
C CYS A 317 1.08 0.55 -5.16
N LEU A 318 1.59 1.50 -4.40
CA LEU A 318 1.42 2.91 -4.73
C LEU A 318 2.51 3.83 -4.18
N GLY A 319 2.46 5.10 -4.56
CA GLY A 319 3.44 6.06 -4.07
C GLY A 319 3.03 7.48 -4.45
N VAL A 320 3.34 8.43 -3.58
CA VAL A 320 3.02 9.83 -3.77
C VAL A 320 4.31 10.61 -4.06
N THR A 321 4.27 11.47 -5.06
CA THR A 321 5.46 12.25 -5.44
C THR A 321 5.76 13.21 -4.30
N ASP A 322 7.01 13.66 -4.24
CA ASP A 322 7.52 14.62 -3.25
C ASP A 322 6.82 15.94 -3.37
N ASP A 323 6.45 16.32 -4.58
CA ASP A 323 5.75 17.57 -4.75
C ASP A 323 4.25 17.39 -4.45
N GLY A 324 3.85 16.15 -4.15
CA GLY A 324 2.47 15.86 -3.82
C GLY A 324 1.47 16.11 -4.92
N MET A 325 1.96 16.10 -6.15
CA MET A 325 1.14 16.35 -7.31
C MET A 325 0.42 15.12 -7.87
N ALA A 326 0.97 13.92 -7.68
CA ALA A 326 0.33 12.74 -8.23
C ALA A 326 0.58 11.50 -7.42
N VAL A 327 -0.26 10.49 -7.63
CA VAL A 327 -0.08 9.21 -6.97
C VAL A 327 0.14 8.20 -8.10
N ALA A 328 0.98 7.20 -7.87
CA ALA A 328 1.21 6.16 -8.88
C ALA A 328 0.67 4.85 -8.33
N THR A 329 0.12 4.00 -9.18
CA THR A 329 -0.35 2.71 -8.70
C THR A 329 0.20 1.63 -9.61
N GLY A 330 0.66 0.55 -9.00
CA GLY A 330 1.14 -0.56 -9.79
C GLY A 330 -0.03 -1.52 -9.78
N SER A 331 0.00 -2.55 -10.62
CA SER A 331 -1.09 -3.52 -10.70
C SER A 331 -0.65 -4.93 -11.14
N TRP A 332 -1.49 -5.90 -10.81
CA TRP A 332 -1.25 -7.28 -11.17
C TRP A 332 -1.42 -7.47 -12.68
N ASP A 333 -2.04 -6.51 -13.37
CA ASP A 333 -2.23 -6.65 -14.82
C ASP A 333 -1.08 -6.07 -15.62
N SER A 334 0.03 -5.81 -14.92
CA SER A 334 1.26 -5.26 -15.48
C SER A 334 1.29 -3.76 -15.79
N PHE A 335 0.19 -3.05 -15.57
CA PHE A 335 0.16 -1.62 -15.84
C PHE A 335 0.31 -0.73 -14.63
N LEU A 336 0.93 0.42 -14.83
CA LEU A 336 1.08 1.43 -13.79
C LEU A 336 0.22 2.58 -14.23
N LYS A 337 -0.28 3.36 -13.29
CA LYS A 337 -1.12 4.50 -13.63
C LYS A 337 -0.74 5.68 -12.75
N ILE A 338 -1.03 6.87 -13.24
CA ILE A 338 -0.73 8.08 -12.48
C ILE A 338 -2.08 8.75 -12.29
N TRP A 339 -2.35 9.18 -11.05
CA TRP A 339 -3.61 9.82 -10.70
C TRP A 339 -3.46 11.24 -10.13
N ASN A 340 -4.35 12.15 -10.57
CA ASN A 340 -4.39 13.56 -10.14
C ASN A 340 -5.85 13.89 -9.81
N MET B 1 32.74 4.08 14.40
CA MET B 1 32.71 2.63 14.76
C MET B 1 31.28 2.08 14.76
N PRO B 2 30.69 1.85 13.57
CA PRO B 2 29.32 1.32 13.48
C PRO B 2 29.28 -0.14 13.96
N VAL B 3 28.13 -0.56 14.48
CA VAL B 3 27.99 -1.91 15.02
C VAL B 3 27.53 -3.05 14.10
N ILE B 4 28.43 -4.01 13.91
CA ILE B 4 28.16 -5.19 13.08
C ILE B 4 27.73 -6.32 14.04
N ASN B 5 26.74 -7.12 13.65
CA ASN B 5 26.26 -8.20 14.51
C ASN B 5 25.58 -9.33 13.74
N ILE B 6 26.10 -10.54 13.92
CA ILE B 6 25.53 -11.72 13.27
C ILE B 6 24.39 -12.22 14.16
N GLU B 7 23.35 -12.76 13.54
CA GLU B 7 22.17 -13.22 14.28
C GLU B 7 22.20 -14.57 15.01
N ASP B 8 23.36 -15.22 15.08
CA ASP B 8 23.46 -16.52 15.76
C ASP B 8 23.52 -16.48 17.30
N LEU B 9 22.84 -15.48 17.87
CA LEU B 9 22.79 -15.29 19.32
C LEU B 9 21.81 -16.27 19.96
N THR B 10 22.00 -16.60 21.24
CA THR B 10 21.09 -17.53 21.91
C THR B 10 19.82 -16.84 22.37
N GLU B 11 18.79 -17.65 22.70
CA GLU B 11 17.51 -17.10 23.16
C GLU B 11 17.72 -16.13 24.33
N LYS B 12 18.50 -16.56 25.31
CA LYS B 12 18.75 -15.70 26.47
C LYS B 12 19.56 -14.46 26.05
N ASP B 13 20.44 -14.61 25.07
CA ASP B 13 21.21 -13.46 24.60
C ASP B 13 20.25 -12.41 24.06
N LYS B 14 19.17 -12.88 23.43
CA LYS B 14 18.15 -11.99 22.87
C LYS B 14 17.22 -11.46 23.97
N LEU B 15 16.83 -12.32 24.90
CA LEU B 15 15.96 -11.88 26.00
C LEU B 15 16.68 -10.82 26.83
N LYS B 16 17.99 -11.00 27.00
CA LYS B 16 18.82 -10.06 27.76
C LYS B 16 18.68 -8.70 27.10
N MET B 17 19.09 -8.64 25.83
CA MET B 17 19.03 -7.41 25.06
C MET B 17 17.61 -6.81 25.08
N GLU B 18 16.59 -7.67 25.12
CA GLU B 18 15.21 -7.21 25.15
C GLU B 18 14.94 -6.40 26.42
N VAL B 19 15.25 -6.97 27.59
CA VAL B 19 15.01 -6.26 28.84
C VAL B 19 15.82 -4.98 28.93
N ASP B 20 17.01 -4.99 28.36
CA ASP B 20 17.86 -3.82 28.38
C ASP B 20 17.17 -2.69 27.66
N GLN B 21 16.80 -2.96 26.41
CA GLN B 21 16.12 -1.99 25.58
C GLN B 21 14.83 -1.51 26.25
N LEU B 22 14.09 -2.45 26.82
CA LEU B 22 12.87 -2.11 27.51
C LEU B 22 13.10 -1.14 28.68
N LYS B 23 14.30 -1.24 29.28
CA LYS B 23 14.66 -0.39 30.41
C LYS B 23 14.97 1.00 29.91
N LYS B 24 15.74 1.07 28.82
CA LYS B 24 16.08 2.35 28.25
C LYS B 24 14.77 3.03 27.88
N GLU B 25 13.86 2.28 27.29
CA GLU B 25 12.57 2.83 26.89
C GLU B 25 11.72 3.28 28.09
N VAL B 26 11.91 2.65 29.24
CA VAL B 26 11.17 3.03 30.43
C VAL B 26 11.56 4.44 30.89
N THR B 27 12.84 4.76 30.79
CA THR B 27 13.39 6.06 31.19
C THR B 27 13.09 7.21 30.22
N LEU B 28 12.28 6.93 29.20
CA LEU B 28 11.91 7.88 28.15
C LEU B 28 10.84 8.85 28.61
N GLU B 29 11.11 10.16 28.49
CA GLU B 29 10.12 11.17 28.90
C GLU B 29 9.16 11.38 27.73
N ARG B 30 7.87 11.22 28.01
CA ARG B 30 6.83 11.35 26.99
C ARG B 30 6.06 12.67 27.05
N MET B 31 5.41 13.01 25.94
CA MET B 31 4.64 14.22 25.80
C MET B 31 3.16 13.82 25.85
N LEU B 32 2.31 14.68 26.38
CA LEU B 32 0.87 14.39 26.46
C LEU B 32 0.31 14.30 25.04
N VAL B 33 -0.44 13.26 24.73
CA VAL B 33 -0.99 13.10 23.38
C VAL B 33 -1.73 14.35 22.93
N SER B 34 -2.36 15.04 23.87
CA SER B 34 -3.10 16.27 23.59
C SER B 34 -2.20 17.26 22.90
N LYS B 35 -1.04 17.53 23.49
CA LYS B 35 -0.06 18.47 22.93
C LYS B 35 0.46 17.97 21.58
N CYS B 36 0.49 16.65 21.40
CA CYS B 36 0.93 16.07 20.14
C CYS B 36 -0.13 16.31 19.07
N CYS B 37 -1.38 16.03 19.43
CA CYS B 37 -2.53 16.22 18.56
C CYS B 37 -2.70 17.64 18.10
N GLU B 38 -2.68 18.58 19.03
CA GLU B 38 -2.82 19.98 18.69
C GLU B 38 -1.79 20.32 17.62
N GLU B 39 -0.56 19.84 17.81
CA GLU B 39 0.49 20.11 16.84
C GLU B 39 0.26 19.41 15.50
N PHE B 40 -0.35 18.23 15.53
CA PHE B 40 -0.63 17.50 14.29
C PHE B 40 -1.71 18.26 13.51
N ARG B 41 -2.81 18.60 14.18
CA ARG B 41 -3.92 19.31 13.56
C ARG B 41 -3.37 20.57 12.95
N ASP B 42 -2.58 21.26 13.74
CA ASP B 42 -2.00 22.51 13.31
C ASP B 42 -1.22 22.45 12.00
N TYR B 43 -0.25 21.54 11.96
CA TYR B 43 0.59 21.34 10.78
C TYR B 43 -0.22 21.02 9.54
N VAL B 44 -1.18 20.11 9.69
CA VAL B 44 -2.00 19.66 8.57
C VAL B 44 -3.03 20.67 8.10
N GLU B 45 -3.69 21.33 9.04
CA GLU B 45 -4.73 22.27 8.66
C GLU B 45 -4.22 23.42 7.82
N GLU B 46 -3.11 24.00 8.23
CA GLU B 46 -2.57 25.11 7.50
C GLU B 46 -1.88 24.76 6.19
N ARG B 47 -1.69 23.47 5.92
CA ARG B 47 -1.05 23.04 4.68
C ARG B 47 -2.00 22.31 3.73
N SER B 48 -3.11 21.81 4.25
CA SER B 48 -4.05 21.09 3.41
C SER B 48 -4.63 21.96 2.29
N GLY B 49 -4.76 23.26 2.52
CA GLY B 49 -5.29 24.15 1.51
C GLY B 49 -4.44 24.20 0.23
N GLU B 50 -3.19 23.82 0.36
CA GLU B 50 -2.24 23.84 -0.75
C GLU B 50 -1.90 22.41 -1.23
N ASP B 51 -2.49 21.41 -0.59
CA ASP B 51 -2.20 20.02 -0.96
C ASP B 51 -2.85 19.80 -2.32
N PRO B 52 -2.05 19.40 -3.31
CA PRO B 52 -2.60 19.18 -4.65
C PRO B 52 -3.68 18.07 -4.72
N LEU B 53 -3.54 17.03 -3.89
CA LEU B 53 -4.48 15.92 -3.87
C LEU B 53 -5.72 16.19 -3.02
N VAL B 54 -5.70 17.30 -2.29
CA VAL B 54 -6.79 17.70 -1.42
C VAL B 54 -7.74 18.64 -2.14
N LYS B 55 -7.19 19.69 -2.71
CA LYS B 55 -7.98 20.71 -3.39
C LYS B 55 -8.23 20.46 -4.88
N GLY B 56 -7.31 19.75 -5.53
CA GLY B 56 -7.44 19.52 -6.95
C GLY B 56 -6.46 20.43 -7.65
N ILE B 57 -6.02 20.05 -8.84
CA ILE B 57 -5.02 20.85 -9.56
C ILE B 57 -5.65 21.61 -10.71
N PRO B 58 -5.37 22.93 -10.83
CA PRO B 58 -5.96 23.66 -11.96
C PRO B 58 -5.36 23.03 -13.22
N GLU B 59 -6.19 22.72 -14.22
CA GLU B 59 -5.71 22.04 -15.43
C GLU B 59 -4.48 22.60 -16.16
N ASP B 60 -4.21 23.89 -16.03
CA ASP B 60 -3.03 24.45 -16.67
C ASP B 60 -1.82 24.19 -15.81
N LYS B 61 -2.07 24.09 -14.51
CA LYS B 61 -1.03 23.88 -13.51
C LYS B 61 -0.81 22.38 -13.23
N ASN B 62 -1.33 21.51 -14.08
CA ASN B 62 -1.17 20.06 -13.91
C ASN B 62 -0.12 19.47 -14.87
N PRO B 63 1.01 19.01 -14.33
CA PRO B 63 2.11 18.43 -15.11
C PRO B 63 1.70 17.24 -15.96
N PHE B 64 0.64 16.55 -15.53
CA PHE B 64 0.12 15.39 -16.22
C PHE B 64 -1.14 15.70 -17.02
N LYS B 65 -1.30 16.97 -17.41
CA LYS B 65 -2.45 17.43 -18.19
C LYS B 65 -2.62 16.58 -19.47
N GLU B 66 -3.85 16.51 -19.97
CA GLU B 66 -4.19 15.75 -21.19
C GLU B 66 -3.14 16.06 -22.28
N LEU B 67 -2.22 15.10 -22.47
CA LEU B 67 -1.10 15.20 -23.41
C LEU B 67 -1.39 15.61 -24.87
N LYS B 68 -0.75 16.69 -25.31
CA LYS B 68 -0.87 17.23 -26.67
C LYS B 68 0.47 17.84 -27.12
N GLU C 1 -9.79 -13.60 4.78
CA GLU C 1 -8.49 -13.13 4.23
C GLU C 1 -7.50 -13.19 5.38
N GLY C 2 -7.66 -12.30 6.36
CA GLY C 2 -6.75 -12.27 7.49
C GLY C 2 -5.37 -11.82 7.01
N GLN C 3 -4.36 -12.65 7.26
CA GLN C 3 -2.99 -12.34 6.83
C GLN C 3 -2.88 -12.06 5.32
N ALA C 4 -2.05 -11.09 4.95
CA ALA C 4 -1.86 -10.70 3.57
C ALA C 4 -1.07 -11.76 2.80
N THR C 5 -1.39 -11.93 1.52
CA THR C 5 -0.72 -12.93 0.68
C THR C 5 -0.69 -12.55 -0.80
N HIS C 6 -1.25 -11.40 -1.15
CA HIS C 6 -1.27 -10.95 -2.54
C HIS C 6 -0.40 -9.73 -2.86
N THR C 7 -0.22 -8.83 -1.90
CA THR C 7 0.53 -7.61 -2.15
C THR C 7 1.73 -7.44 -1.25
N GLY C 8 2.62 -6.54 -1.63
CA GLY C 8 3.82 -6.33 -0.84
C GLY C 8 4.64 -7.61 -0.73
N PRO C 9 5.62 -7.64 0.19
CA PRO C 9 6.46 -8.84 0.35
C PRO C 9 5.69 -10.11 0.58
N LYS C 10 4.59 -10.05 1.32
CA LYS C 10 3.82 -11.26 1.58
C LYS C 10 3.34 -11.82 0.26
N GLY C 11 3.00 -10.90 -0.65
CA GLY C 11 2.52 -11.26 -1.97
C GLY C 11 3.61 -11.98 -2.75
N VAL C 12 4.83 -11.48 -2.67
CA VAL C 12 5.93 -12.10 -3.37
C VAL C 12 6.15 -13.50 -2.84
N ILE C 13 6.16 -13.64 -1.52
CA ILE C 13 6.37 -14.94 -0.87
C ILE C 13 5.29 -15.94 -1.30
N ASN C 14 4.03 -15.54 -1.18
CA ASN C 14 2.90 -16.39 -1.56
C ASN C 14 2.97 -16.74 -3.07
N ASP C 15 3.32 -15.76 -3.89
CA ASP C 15 3.44 -15.96 -5.32
C ASP C 15 4.51 -17.01 -5.61
N TRP C 16 5.68 -16.87 -5.00
CA TRP C 16 6.75 -17.84 -5.17
C TRP C 16 6.30 -19.24 -4.77
N ARG C 17 5.54 -19.32 -3.67
CA ARG C 17 5.03 -20.59 -3.17
C ARG C 17 4.06 -21.24 -4.13
N LYS C 18 3.01 -20.51 -4.50
CA LYS C 18 2.00 -21.04 -5.41
C LYS C 18 2.69 -21.52 -6.70
N PHE C 19 3.73 -20.79 -7.09
CA PHE C 19 4.52 -21.09 -8.27
C PHE C 19 5.02 -22.52 -8.26
N LYS C 20 5.57 -22.94 -7.13
CA LYS C 20 6.10 -24.30 -6.97
C LYS C 20 4.95 -25.30 -6.94
N LEU C 21 3.82 -24.87 -6.39
CA LEU C 21 2.63 -25.70 -6.31
C LEU C 21 2.15 -26.05 -7.71
N GLU C 22 2.82 -25.49 -8.72
CA GLU C 22 2.50 -25.74 -10.11
C GLU C 22 3.76 -26.17 -10.87
N SER C 23 4.91 -25.67 -10.41
CA SER C 23 6.23 -25.96 -11.00
C SER C 23 6.64 -27.43 -10.94
N GLU C 24 6.58 -28.00 -9.74
CA GLU C 24 6.94 -29.41 -9.48
C GLU C 24 6.57 -30.42 -10.60
N ASP C 25 5.58 -30.06 -11.41
CA ASP C 25 5.05 -30.86 -12.54
C ASP C 25 3.84 -31.72 -12.10
N GLY C 26 2.81 -31.00 -11.65
CA GLY C 26 1.50 -31.48 -11.15
C GLY C 26 1.30 -30.76 -9.81
N ASP C 27 0.04 -30.42 -9.48
CA ASP C 27 -0.27 -29.64 -8.27
C ASP C 27 -0.99 -30.32 -7.11
N SER C 28 -2.28 -30.61 -7.29
CA SER C 28 -3.12 -31.25 -6.27
C SER C 28 -3.11 -32.73 -6.61
N ILE C 29 -2.52 -33.01 -7.77
CA ILE C 29 -2.37 -34.37 -8.28
C ILE C 29 -1.40 -35.20 -7.43
N PRO C 30 -1.11 -36.41 -7.89
CA PRO C 30 -0.21 -37.33 -7.18
C PRO C 30 1.28 -36.96 -7.16
N PRO C 31 1.69 -36.02 -8.02
CA PRO C 31 3.11 -35.61 -8.08
C PRO C 31 3.51 -34.65 -6.96
N SER C 32 2.51 -34.09 -6.29
CA SER C 32 2.76 -33.20 -5.18
C SER C 32 2.29 -33.99 -3.95
N LYS C 33 2.29 -33.35 -2.78
CA LYS C 33 1.87 -33.96 -1.52
C LYS C 33 0.86 -35.10 -1.64
N LYS C 34 1.14 -36.20 -0.94
CA LYS C 34 0.27 -37.37 -0.95
C LYS C 34 -0.13 -37.62 0.50
N GLU C 35 0.64 -37.03 1.40
CA GLU C 35 0.40 -37.16 2.83
C GLU C 35 -0.76 -36.28 3.19
N ILE C 36 -1.35 -35.63 2.19
CA ILE C 36 -2.47 -34.70 2.37
C ILE C 36 -2.13 -33.73 3.51
N LEU C 37 -0.83 -33.58 3.75
CA LEU C 37 -0.30 -32.75 4.81
C LEU C 37 -0.68 -31.33 4.51
N ARG C 38 -0.42 -30.92 3.28
CA ARG C 38 -0.74 -29.57 2.90
C ARG C 38 -0.91 -29.46 1.41
N GLN C 39 -1.56 -28.36 1.01
CA GLN C 39 -1.76 -28.08 -0.39
C GLN C 39 -0.49 -27.32 -0.80
N MET C 40 0.32 -26.98 0.20
CA MET C 40 1.57 -26.26 0.03
C MET C 40 2.28 -26.14 1.37
N SER C 41 3.58 -25.87 1.31
CA SER C 41 4.36 -25.66 2.52
C SER C 41 4.03 -24.21 2.86
N SER C 42 3.75 -23.93 4.12
CA SER C 42 3.42 -22.56 4.51
C SER C 42 4.08 -22.33 5.85
N PRO C 43 4.33 -21.06 6.16
CA PRO C 43 4.95 -20.71 7.42
C PRO C 43 3.99 -19.74 8.15
N GLN C 44 4.05 -19.74 9.48
CA GLN C 44 3.22 -18.89 10.35
C GLN C 44 1.71 -19.17 10.22
N SER C 45 1.33 -20.43 10.46
CA SER C 45 -0.06 -20.89 10.39
C SER C 45 -0.62 -21.12 11.80
N ARG C 46 0.28 -21.44 12.73
CA ARG C 46 -0.06 -21.70 14.13
C ARG C 46 0.96 -20.93 14.97
N ASP C 47 0.46 -20.06 15.85
CA ASP C 47 1.31 -19.24 16.72
C ASP C 47 2.19 -20.08 17.64
N ASP C 48 3.49 -19.79 17.61
CA ASP C 48 4.44 -20.47 18.48
C ASP C 48 4.82 -19.42 19.51
N LYS C 49 4.12 -19.46 20.64
CA LYS C 49 4.33 -18.48 21.72
C LYS C 49 5.47 -18.84 22.68
N ASP C 50 6.41 -19.68 22.20
CA ASP C 50 7.56 -20.10 22.99
C ASP C 50 8.40 -18.87 23.38
N SER C 51 8.42 -17.88 22.49
CA SER C 51 9.16 -16.63 22.69
C SER C 51 8.23 -15.51 23.19
N LYS C 52 6.96 -15.86 23.40
CA LYS C 52 5.98 -14.91 23.89
C LYS C 52 5.22 -14.15 22.82
N GLU C 53 5.31 -14.58 21.57
CA GLU C 53 4.62 -13.90 20.48
C GLU C 53 3.83 -14.86 19.59
N ARG C 54 2.89 -14.29 18.83
CA ARG C 54 2.11 -15.08 17.88
C ARG C 54 3.20 -15.29 16.80
N MSE C 55 3.93 -16.40 16.87
CA MSE C 55 5.03 -16.65 15.94
C MSE C 55 4.79 -16.33 14.47
O MSE C 55 3.93 -16.91 13.79
CB MSE C 55 5.66 -18.04 16.11
CG MSE C 55 7.19 -18.04 15.94
SE MSE C 55 8.06 -16.54 16.49
CE MSE C 55 8.89 -17.05 18.04
N SER C 56 5.62 -15.41 13.99
CA SER C 56 5.54 -14.93 12.63
C SER C 56 6.88 -14.91 11.91
N ARG C 57 7.23 -16.05 11.34
CA ARG C 57 8.44 -16.17 10.53
C ARG C 57 7.85 -16.67 9.22
N LYS C 58 7.70 -15.75 8.26
CA LYS C 58 7.07 -16.04 6.97
C LYS C 58 7.83 -17.00 6.07
N MSE C 59 9.15 -16.96 6.16
CA MSE C 59 9.99 -17.85 5.37
C MSE C 59 10.76 -18.76 6.33
O MSE C 59 11.47 -18.29 7.22
CB MSE C 59 10.97 -17.05 4.51
CG MSE C 59 10.41 -16.54 3.20
SE MSE C 59 10.34 -17.82 1.92
CE MSE C 59 11.93 -17.58 1.08
N SER C 60 10.55 -20.06 6.17
CA SER C 60 11.23 -21.04 7.01
C SER C 60 12.57 -21.44 6.41
N ILE C 61 13.32 -22.25 7.16
CA ILE C 61 14.60 -22.73 6.70
C ILE C 61 14.37 -23.55 5.41
N GLN C 62 13.41 -24.47 5.44
CA GLN C 62 13.12 -25.30 4.27
C GLN C 62 12.70 -24.47 3.05
N GLU C 63 12.09 -23.32 3.29
CA GLU C 63 11.68 -22.44 2.19
C GLU C 63 12.96 -21.84 1.58
N TYR C 64 13.70 -21.11 2.41
CA TYR C 64 14.95 -20.48 1.98
C TYR C 64 15.89 -21.52 1.38
N GLU C 65 15.71 -22.76 1.81
CA GLU C 65 16.47 -23.94 1.40
C GLU C 65 16.33 -24.16 -0.10
N LEU C 66 15.08 -24.35 -0.54
CA LEU C 66 14.78 -24.55 -1.95
C LEU C 66 15.41 -23.42 -2.75
N ILE C 67 15.24 -22.19 -2.27
CA ILE C 67 15.77 -20.97 -2.91
C ILE C 67 17.16 -21.14 -3.52
N HIS C 68 18.01 -21.95 -2.89
CA HIS C 68 19.34 -22.18 -3.40
C HIS C 68 19.43 -23.46 -4.25
N GLN C 69 18.61 -24.45 -3.91
CA GLN C 69 18.56 -25.72 -4.64
C GLN C 69 17.47 -25.66 -5.73
N ASP C 70 17.08 -24.44 -6.11
CA ASP C 70 16.04 -24.23 -7.10
C ASP C 70 16.48 -24.14 -8.55
N LYS C 71 15.66 -24.72 -9.42
CA LYS C 71 15.89 -24.72 -10.86
C LYS C 71 14.84 -23.85 -11.53
N GLU C 72 15.01 -22.53 -11.43
CA GLU C 72 14.08 -21.56 -12.02
C GLU C 72 14.08 -21.70 -13.54
N ASP C 73 13.11 -22.44 -14.05
CA ASP C 73 12.99 -22.69 -15.49
C ASP C 73 12.38 -21.44 -16.12
N GLU C 74 13.10 -20.81 -17.04
CA GLU C 74 12.61 -19.60 -17.70
C GLU C 74 11.25 -19.82 -18.34
N GLY C 75 11.09 -20.95 -19.01
CA GLY C 75 9.82 -21.28 -19.64
C GLY C 75 8.72 -21.40 -18.61
N CYS C 76 8.96 -22.19 -17.56
CA CYS C 76 7.98 -22.37 -16.48
C CYS C 76 7.66 -21.04 -15.81
N LEU C 77 8.57 -20.07 -15.89
CA LEU C 77 8.37 -18.74 -15.31
C LEU C 77 7.36 -17.92 -16.09
N ARG C 78 7.55 -17.80 -17.42
CA ARG C 78 6.64 -17.03 -18.28
C ARG C 78 5.24 -17.62 -18.24
N LYS C 79 5.16 -18.94 -18.24
CA LYS C 79 3.88 -19.63 -18.18
C LYS C 79 3.14 -19.19 -16.91
N TYR C 80 3.85 -19.22 -15.78
CA TYR C 80 3.28 -18.84 -14.49
C TYR C 80 2.77 -17.40 -14.51
N ARG C 81 3.57 -16.51 -15.09
CA ARG C 81 3.19 -15.10 -15.18
C ARG C 81 1.87 -14.90 -15.93
N ARG C 82 1.68 -15.64 -17.03
CA ARG C 82 0.43 -15.52 -17.79
C ARG C 82 -0.74 -16.06 -17.00
N GLN C 83 -0.52 -17.19 -16.34
CA GLN C 83 -1.53 -17.86 -15.53
C GLN C 83 -2.09 -16.99 -14.38
N CYS C 84 -1.23 -16.17 -13.78
CA CYS C 84 -1.66 -15.30 -12.69
C CYS C 84 -2.62 -14.22 -13.16
N MSE C 85 -2.32 -13.60 -14.29
CA MSE C 85 -3.17 -12.54 -14.84
C MSE C 85 -4.51 -13.12 -15.29
O MSE C 85 -5.57 -12.53 -15.03
CB MSE C 85 -2.46 -11.81 -15.98
CG MSE C 85 -1.14 -11.16 -15.56
SE MSE C 85 -0.52 -9.90 -16.71
CE MSE C 85 0.34 -10.90 -17.93
N GLN C 86 -4.44 -14.28 -15.93
CA GLN C 86 -5.61 -14.98 -16.42
C GLN C 86 -6.55 -15.30 -15.24
N ASP C 87 -5.98 -15.85 -14.16
CA ASP C 87 -6.75 -16.21 -12.97
C ASP C 87 -7.45 -14.98 -12.36
N MSE C 88 -6.69 -13.90 -12.15
CA MSE C 88 -7.27 -12.69 -11.61
C MSE C 88 -8.44 -12.13 -12.44
O MSE C 88 -9.49 -11.81 -11.88
CB MSE C 88 -6.22 -11.63 -11.34
CG MSE C 88 -5.64 -11.67 -9.91
SE MSE C 88 -6.90 -11.44 -8.60
CE MSE C 88 -6.49 -12.82 -7.50
N HIS C 89 -8.28 -12.02 -13.77
CA HIS C 89 -9.39 -11.53 -14.62
C HIS C 89 -10.61 -12.40 -14.39
N GLN C 90 -10.40 -13.72 -14.39
CA GLN C 90 -11.46 -14.69 -14.21
C GLN C 90 -12.30 -14.42 -12.96
N LYS C 91 -11.61 -14.21 -11.84
CA LYS C 91 -12.31 -13.94 -10.59
C LYS C 91 -13.00 -12.58 -10.59
N LEU C 92 -12.42 -11.62 -11.31
CA LEU C 92 -13.01 -10.29 -11.40
C LEU C 92 -14.10 -10.25 -12.46
N SER C 93 -14.13 -11.29 -13.30
CA SER C 93 -15.11 -11.40 -14.36
C SER C 93 -16.35 -12.20 -13.95
N PHE C 94 -17.39 -11.48 -13.61
CA PHE C 94 -18.65 -12.09 -13.24
C PHE C 94 -19.59 -11.98 -14.43
N GLY C 95 -20.45 -12.99 -14.57
CA GLY C 95 -21.38 -13.08 -15.67
C GLY C 95 -22.10 -11.82 -16.10
N PRO C 96 -22.41 -11.72 -17.39
CA PRO C 96 -23.12 -10.59 -18.01
C PRO C 96 -24.61 -10.69 -17.70
N ARG C 97 -24.98 -10.28 -16.48
CA ARG C 97 -26.36 -10.33 -16.01
C ARG C 97 -27.34 -9.36 -16.68
N TYR C 98 -27.06 -8.08 -16.53
CA TYR C 98 -27.92 -7.02 -17.06
C TYR C 98 -27.83 -6.75 -18.55
N GLY C 99 -27.95 -5.48 -18.90
CA GLY C 99 -27.84 -5.07 -20.28
C GLY C 99 -28.77 -3.92 -20.58
N PHE C 100 -29.49 -3.44 -19.56
CA PHE C 100 -30.44 -2.35 -19.73
C PHE C 100 -30.35 -1.38 -18.56
N VAL C 101 -30.72 -0.13 -18.80
CA VAL C 101 -30.73 0.90 -17.77
C VAL C 101 -32.12 0.73 -17.16
N TYR C 102 -32.18 0.56 -15.85
CA TYR C 102 -33.45 0.38 -15.20
C TYR C 102 -33.93 1.66 -14.55
N GLU C 103 -35.24 1.91 -14.63
CA GLU C 103 -35.84 3.11 -14.05
C GLU C 103 -36.28 2.90 -12.62
N LEU C 104 -35.75 3.71 -11.72
CA LEU C 104 -36.13 3.66 -10.30
C LEU C 104 -37.15 4.80 -10.17
N GLU C 105 -38.28 4.54 -9.49
CA GLU C 105 -39.31 5.56 -9.32
C GLU C 105 -39.41 6.22 -7.94
N THR C 106 -38.86 5.58 -6.93
CA THR C 106 -38.93 6.13 -5.58
C THR C 106 -37.60 5.98 -4.83
N GLY C 107 -37.45 6.72 -3.74
CA GLY C 107 -36.23 6.63 -2.95
C GLY C 107 -36.02 5.25 -2.36
N GLU C 108 -37.12 4.60 -1.98
CA GLU C 108 -37.11 3.26 -1.42
C GLU C 108 -36.47 2.26 -2.39
N GLN C 109 -36.80 2.41 -3.68
CA GLN C 109 -36.27 1.55 -4.74
C GLN C 109 -34.77 1.73 -4.91
N PHE C 110 -34.33 2.98 -4.85
CA PHE C 110 -32.91 3.33 -4.96
C PHE C 110 -32.20 2.57 -3.85
N LEU C 111 -32.56 2.86 -2.60
CA LEU C 111 -31.95 2.21 -1.45
C LEU C 111 -31.99 0.68 -1.53
N GLU C 112 -33.06 0.14 -2.09
CA GLU C 112 -33.22 -1.31 -2.21
C GLU C 112 -32.21 -1.92 -3.18
N THR C 113 -31.97 -1.24 -4.29
CA THR C 113 -31.04 -1.74 -5.30
C THR C 113 -29.58 -1.84 -4.85
N ILE C 114 -29.06 -0.82 -4.19
CA ILE C 114 -27.67 -0.86 -3.74
C ILE C 114 -27.57 -1.80 -2.53
N GLU C 115 -28.65 -1.86 -1.75
CA GLU C 115 -28.69 -2.71 -0.56
C GLU C 115 -28.70 -4.21 -0.83
N LYS C 116 -29.61 -4.68 -1.68
CA LYS C 116 -29.74 -6.12 -1.97
C LYS C 116 -28.81 -6.68 -3.05
N GLU C 117 -28.00 -5.84 -3.66
CA GLU C 117 -27.08 -6.26 -4.73
C GLU C 117 -25.86 -7.04 -4.27
N GLN C 118 -25.33 -7.92 -5.12
CA GLN C 118 -24.13 -8.68 -4.77
C GLN C 118 -23.07 -7.64 -4.48
N LYS C 119 -22.26 -7.87 -3.45
CA LYS C 119 -21.24 -6.90 -3.11
C LYS C 119 -20.18 -6.68 -4.20
N VAL C 120 -20.07 -7.60 -5.15
CA VAL C 120 -19.08 -7.48 -6.22
C VAL C 120 -19.55 -6.62 -7.40
N THR C 121 -20.85 -6.36 -7.47
CA THR C 121 -21.46 -5.58 -8.57
C THR C 121 -21.33 -4.08 -8.46
N THR C 122 -20.91 -3.43 -9.55
CA THR C 122 -20.80 -1.98 -9.60
C THR C 122 -22.18 -1.46 -10.04
N ILE C 123 -22.66 -0.41 -9.39
CA ILE C 123 -23.95 0.14 -9.74
C ILE C 123 -23.78 1.60 -10.11
N VAL C 124 -24.15 1.91 -11.33
CA VAL C 124 -24.06 3.28 -11.81
C VAL C 124 -25.47 3.82 -11.81
N VAL C 125 -25.74 4.78 -10.94
CA VAL C 125 -27.07 5.38 -10.87
C VAL C 125 -27.06 6.79 -11.42
N ASN C 126 -28.02 7.09 -12.29
CA ASN C 126 -28.10 8.41 -12.88
C ASN C 126 -29.30 9.21 -12.38
N ILE C 127 -29.03 10.32 -11.70
CA ILE C 127 -30.06 11.20 -11.18
C ILE C 127 -30.18 12.36 -12.17
N TYR C 128 -31.37 12.50 -12.74
CA TYR C 128 -31.64 13.52 -13.77
C TYR C 128 -33.07 14.08 -13.67
N GLU C 129 -33.46 14.81 -14.71
CA GLU C 129 -34.78 15.41 -14.81
C GLU C 129 -34.90 15.81 -16.27
N ASP C 130 -36.04 15.56 -16.89
CA ASP C 130 -36.24 15.89 -18.30
C ASP C 130 -36.06 17.37 -18.62
N GLY C 131 -35.64 17.66 -19.85
CA GLY C 131 -35.44 19.04 -20.26
C GLY C 131 -34.10 19.62 -19.87
N VAL C 132 -33.57 19.20 -18.72
CA VAL C 132 -32.27 19.67 -18.24
C VAL C 132 -31.22 19.22 -19.25
N ARG C 133 -30.47 20.18 -19.79
CA ARG C 133 -29.44 19.89 -20.76
C ARG C 133 -28.47 18.85 -20.23
N GLY C 134 -27.98 17.99 -21.13
CA GLY C 134 -27.05 16.96 -20.75
C GLY C 134 -27.68 15.63 -20.38
N CYS C 135 -28.82 15.68 -19.71
CA CYS C 135 -29.52 14.47 -19.29
C CYS C 135 -29.80 13.46 -20.41
N ASP C 136 -30.44 13.91 -21.48
CA ASP C 136 -30.78 13.04 -22.61
C ASP C 136 -29.55 12.41 -23.23
N ALA C 137 -28.51 13.21 -23.41
CA ALA C 137 -27.30 12.67 -24.01
C ALA C 137 -26.69 11.63 -23.08
N LEU C 138 -26.74 11.89 -21.77
CA LEU C 138 -26.20 10.94 -20.80
C LEU C 138 -27.02 9.64 -20.83
N ASN C 139 -28.34 9.75 -20.76
CA ASN C 139 -29.22 8.58 -20.80
C ASN C 139 -28.97 7.74 -22.04
N SER C 140 -28.78 8.39 -23.20
CA SER C 140 -28.50 7.70 -24.46
C SER C 140 -27.18 6.94 -24.31
N SER C 141 -26.17 7.61 -23.76
CA SER C 141 -24.87 6.98 -23.57
C SER C 141 -25.00 5.75 -22.70
N LEU C 142 -25.73 5.92 -21.59
CA LEU C 142 -25.91 4.85 -20.63
C LEU C 142 -26.55 3.61 -21.23
N GLU C 143 -27.58 3.78 -22.05
CA GLU C 143 -28.24 2.66 -22.69
C GLU C 143 -27.24 1.85 -23.53
N CYS C 144 -26.32 2.55 -24.20
CA CYS C 144 -25.31 1.85 -24.99
C CYS C 144 -24.29 1.19 -24.10
N LEU C 145 -23.97 1.84 -22.98
CA LEU C 145 -23.02 1.28 -22.04
C LEU C 145 -23.58 0.07 -21.28
N ALA C 146 -24.82 0.19 -20.84
CA ALA C 146 -25.43 -0.89 -20.07
C ALA C 146 -25.39 -2.17 -20.87
N ALA C 147 -25.55 -2.02 -22.19
CA ALA C 147 -25.55 -3.14 -23.12
C ALA C 147 -24.15 -3.69 -23.41
N GLU C 148 -23.12 -2.94 -23.06
CA GLU C 148 -21.78 -3.42 -23.30
C GLU C 148 -21.14 -3.97 -22.05
N TYR C 149 -21.56 -3.45 -20.90
CA TYR C 149 -21.05 -3.91 -19.62
C TYR C 149 -22.25 -4.48 -18.88
N PRO C 150 -22.67 -5.70 -19.25
CA PRO C 150 -23.81 -6.36 -18.62
C PRO C 150 -23.59 -6.71 -17.16
N MSE C 151 -22.33 -6.72 -16.73
CA MSE C 151 -22.05 -7.03 -15.32
C MSE C 151 -22.19 -5.77 -14.47
O MSE C 151 -22.08 -5.83 -13.24
CB MSE C 151 -20.67 -7.69 -15.12
CG MSE C 151 -19.48 -6.76 -15.27
SE MSE C 151 -18.95 -6.51 -16.98
CE MSE C 151 -17.85 -7.93 -17.17
N VAL C 152 -22.40 -4.62 -15.11
CA VAL C 152 -22.60 -3.37 -14.36
C VAL C 152 -24.09 -3.05 -14.45
N LYS C 153 -24.67 -2.77 -13.31
CA LYS C 153 -26.06 -2.43 -13.28
C LYS C 153 -26.17 -0.91 -13.38
N PHE C 154 -26.83 -0.45 -14.45
CA PHE C 154 -27.03 0.97 -14.65
C PHE C 154 -28.48 1.29 -14.27
N CYS C 155 -28.71 2.49 -13.74
CA CYS C 155 -30.04 2.91 -13.34
C CYS C 155 -30.20 4.41 -13.51
N LYS C 156 -31.44 4.89 -13.53
CA LYS C 156 -31.74 6.33 -13.68
C LYS C 156 -32.98 6.66 -12.87
N ILE C 157 -33.06 7.88 -12.37
CA ILE C 157 -34.17 8.35 -11.54
C ILE C 157 -34.28 9.87 -11.60
N ARG C 158 -35.50 10.37 -11.62
CA ARG C 158 -35.72 11.81 -11.65
C ARG C 158 -35.37 12.36 -10.27
N ALA C 159 -34.74 13.53 -10.24
CA ALA C 159 -34.34 14.17 -9.00
C ALA C 159 -35.58 14.32 -8.13
N SER C 160 -36.71 14.52 -8.80
CA SER C 160 -38.00 14.66 -8.14
C SER C 160 -38.37 13.39 -7.39
N ASN C 161 -38.08 12.23 -8.01
CA ASN C 161 -38.42 10.94 -7.42
C ASN C 161 -37.48 10.44 -6.32
N THR C 162 -36.35 11.12 -6.13
CA THR C 162 -35.36 10.70 -5.12
C THR C 162 -35.87 10.71 -3.70
N GLY C 163 -36.62 11.76 -3.35
CA GLY C 163 -37.11 11.88 -2.00
C GLY C 163 -36.18 12.82 -1.27
N ALA C 164 -35.60 13.73 -2.05
CA ALA C 164 -34.68 14.77 -1.58
C ALA C 164 -34.79 15.84 -2.67
N GLY C 165 -35.86 16.64 -2.59
CA GLY C 165 -36.14 17.68 -3.56
C GLY C 165 -35.08 18.72 -3.86
N ASP C 166 -35.16 19.86 -3.17
CA ASP C 166 -34.23 20.96 -3.35
C ASP C 166 -32.77 20.53 -3.39
N ARG C 167 -32.42 19.50 -2.61
CA ARG C 167 -31.05 18.98 -2.55
C ARG C 167 -30.45 18.72 -3.94
N PHE C 168 -31.31 18.45 -4.91
CA PHE C 168 -30.88 18.20 -6.28
C PHE C 168 -31.45 19.24 -7.23
N SER C 169 -30.79 20.39 -7.31
CA SER C 169 -31.23 21.47 -8.20
C SER C 169 -30.61 21.23 -9.57
N SER C 170 -31.24 21.79 -10.61
CA SER C 170 -30.75 21.62 -11.98
C SER C 170 -29.28 22.00 -12.12
N ASP C 171 -28.78 22.74 -11.13
CA ASP C 171 -27.39 23.20 -11.11
C ASP C 171 -26.39 22.09 -10.91
N VAL C 172 -26.81 21.00 -10.29
CA VAL C 172 -25.94 19.87 -10.05
C VAL C 172 -26.38 18.68 -10.89
N LEU C 173 -27.36 18.92 -11.75
CA LEU C 173 -27.89 17.86 -12.58
C LEU C 173 -27.34 17.93 -13.99
N PRO C 174 -27.06 16.75 -14.59
CA PRO C 174 -27.24 15.43 -13.97
C PRO C 174 -26.10 14.96 -13.02
N THR C 175 -26.47 14.27 -11.95
CA THR C 175 -25.53 13.75 -10.99
C THR C 175 -25.44 12.24 -11.21
N LEU C 176 -24.21 11.71 -11.28
CA LEU C 176 -23.98 10.29 -11.50
C LEU C 176 -23.33 9.70 -10.26
N LEU C 177 -24.05 8.83 -9.54
CA LEU C 177 -23.53 8.18 -8.35
C LEU C 177 -23.16 6.74 -8.69
N VAL C 178 -22.07 6.25 -8.10
CA VAL C 178 -21.63 4.88 -8.36
C VAL C 178 -21.43 4.19 -7.04
N TYR C 179 -21.95 2.97 -6.94
CA TYR C 179 -21.86 2.19 -5.73
C TYR C 179 -21.25 0.85 -6.04
N LYS C 180 -20.83 0.16 -4.97
CA LYS C 180 -20.24 -1.16 -5.10
C LYS C 180 -20.03 -1.71 -3.69
N GLY C 181 -20.50 -2.93 -3.43
CA GLY C 181 -20.35 -3.55 -2.13
C GLY C 181 -21.10 -2.85 -1.02
N GLY C 182 -22.16 -2.12 -1.38
CA GLY C 182 -22.95 -1.40 -0.41
C GLY C 182 -22.53 0.04 -0.19
N GLU C 183 -21.33 0.41 -0.66
CA GLU C 183 -20.83 1.77 -0.48
C GLU C 183 -20.74 2.64 -1.73
N LEU C 184 -20.83 3.95 -1.53
CA LEU C 184 -20.72 4.92 -2.62
C LEU C 184 -19.25 5.03 -2.97
N ILE C 185 -18.92 4.71 -4.21
CA ILE C 185 -17.53 4.75 -4.67
C ILE C 185 -17.19 6.07 -5.37
N SER C 186 -18.18 6.70 -6.00
CA SER C 186 -17.98 7.95 -6.71
C SER C 186 -19.24 8.75 -6.76
N ASN C 187 -19.09 10.06 -6.84
CA ASN C 187 -20.21 10.99 -6.88
C ASN C 187 -19.77 12.08 -7.84
N PHE C 188 -20.42 12.13 -8.98
CA PHE C 188 -20.09 13.10 -10.00
C PHE C 188 -21.19 14.12 -10.21
N ILE C 189 -21.08 15.25 -9.55
CA ILE C 189 -22.03 16.33 -9.64
C ILE C 189 -21.83 16.98 -11.01
N SER C 190 -22.92 17.34 -11.69
CA SER C 190 -22.85 17.91 -13.05
C SER C 190 -21.89 17.08 -13.94
N VAL C 191 -22.17 15.79 -14.09
CA VAL C 191 -21.36 14.91 -14.90
C VAL C 191 -21.16 15.45 -16.31
N ALA C 192 -22.22 16.00 -16.89
CA ALA C 192 -22.19 16.52 -18.25
C ALA C 192 -21.01 17.46 -18.55
N GLU C 193 -20.52 18.12 -17.49
CA GLU C 193 -19.38 19.03 -17.50
C GLU C 193 -18.09 18.40 -17.94
N GLN C 194 -17.98 17.10 -17.68
CA GLN C 194 -16.78 16.35 -18.01
C GLN C 194 -16.62 16.09 -19.50
N PHE C 195 -17.67 16.35 -20.28
CA PHE C 195 -17.64 16.08 -21.71
C PHE C 195 -17.92 17.34 -22.53
N ALA C 196 -17.78 17.24 -23.87
CA ALA C 196 -18.09 18.36 -24.76
C ALA C 196 -19.60 18.31 -24.95
N GLU C 197 -20.24 19.44 -25.22
CA GLU C 197 -21.71 19.49 -25.39
C GLU C 197 -22.28 18.23 -26.02
N ASP C 198 -21.78 17.89 -27.20
CA ASP C 198 -22.24 16.68 -27.86
C ASP C 198 -21.34 15.57 -27.41
N PHE C 199 -21.85 14.71 -26.54
CA PHE C 199 -21.06 13.57 -26.09
C PHE C 199 -21.84 12.28 -26.30
N PHE C 200 -21.12 11.18 -26.38
CA PHE C 200 -21.73 9.91 -26.66
C PHE C 200 -21.19 8.85 -25.71
N ALA C 201 -21.73 7.63 -25.81
CA ALA C 201 -21.32 6.53 -24.92
C ALA C 201 -19.81 6.28 -24.77
N ALA C 202 -19.02 6.46 -25.83
CA ALA C 202 -17.58 6.23 -25.74
C ALA C 202 -16.86 7.27 -24.86
N ASP C 203 -17.43 8.46 -24.75
CA ASP C 203 -16.86 9.54 -23.95
C ASP C 203 -17.12 9.24 -22.49
N VAL C 204 -18.36 8.87 -22.19
CA VAL C 204 -18.78 8.51 -20.85
C VAL C 204 -17.94 7.33 -20.36
N GLU C 205 -17.63 6.43 -21.28
CA GLU C 205 -16.86 5.27 -20.95
C GLU C 205 -15.41 5.57 -20.64
N SER C 206 -14.80 6.36 -21.51
CA SER C 206 -13.41 6.79 -21.34
C SER C 206 -13.28 7.45 -19.96
N PHE C 207 -14.28 8.26 -19.63
CA PHE C 207 -14.36 8.94 -18.36
C PHE C 207 -14.45 7.96 -17.17
N LEU C 208 -15.41 7.02 -17.19
CA LEU C 208 -15.58 6.05 -16.09
C LEU C 208 -14.38 5.13 -15.95
N ASN C 209 -13.75 4.78 -17.08
CA ASN C 209 -12.57 3.92 -17.07
C ASN C 209 -11.43 4.64 -16.34
N GLU C 210 -11.33 5.95 -16.56
CA GLU C 210 -10.27 6.71 -15.93
C GLU C 210 -10.35 6.93 -14.45
N TYR C 211 -11.50 6.59 -13.87
CA TYR C 211 -11.68 6.66 -12.46
C TYR C 211 -11.68 5.20 -11.99
N GLY C 212 -11.48 4.29 -12.94
CA GLY C 212 -11.42 2.86 -12.65
C GLY C 212 -12.76 2.28 -12.22
N LEU C 213 -13.84 2.86 -12.72
CA LEU C 213 -15.17 2.42 -12.39
C LEU C 213 -15.73 1.35 -13.31
N LEU C 214 -15.01 1.02 -14.37
CA LEU C 214 -15.52 -0.03 -15.23
C LEU C 214 -14.63 -1.26 -15.23
N PRO C 215 -15.24 -2.44 -15.16
CA PRO C 215 -14.49 -3.69 -15.16
C PRO C 215 -13.96 -4.05 -16.54
N GLU C 216 -13.40 -5.25 -16.62
CA GLU C 216 -12.88 -5.88 -17.85
C GLU C 216 -11.89 -5.07 -18.67
N ARG C 217 -10.72 -4.82 -18.09
CA ARG C 217 -9.64 -4.05 -18.69
C ARG C 217 -9.92 -2.54 -18.49
GD GD D . -10.54 15.15 -8.65
GD GD E . -16.77 0.80 -26.01
GD GD F . -23.56 24.00 -17.58
GD GD G . -20.99 22.80 -20.81
GD GD H . -7.84 11.36 -20.57
#